data_4HVT
#
_entry.id   4HVT
#
_cell.length_a   199.590
_cell.length_b   73.280
_cell.length_c   55.460
_cell.angle_alpha   90.000
_cell.angle_beta   98.520
_cell.angle_gamma   90.000
#
_symmetry.space_group_name_H-M   'C 1 2 1'
#
loop_
_entity.id
_entity.type
_entity.pdbx_description
1 polymer 'Post-proline cleaving enzyme'
2 non-polymer 1,2-ETHANEDIOL
3 non-polymer 'CHLORIDE ION'
4 water water
#
_entity_poly.entity_id   1
_entity_poly.type   'polypeptide(L)'
_entity_poly.pdbx_seq_one_letter_code
;MAHHHHHHMAMEDNNKQIFNPKETKFLEEAEGVEALEWAKERTSKTEKALQAMQEYKQIKKEIETIFYDQRKTPYGVIRK
GYVYNFWMDDKNPQGLWRRTLVDNYSKDKPNWEVLIDFDKLSKKIGKKVAYRGVSNCFQNPNRYLISMSFGGKDEMFFRE
WDLEKKDFVKNGFEPITNSGKLLEGKFTYPTWINKDTIIFNLVLHKNEITSSLYPNSLYIWKRGESIEKAKKLFEVPKEY
IYVSAGKLLSDTISSSLIFISANKDFYNYDNYILDTKYKNLKLQKINMPSDATLQGSFKEYVFWLLRSDWKFKSHNIKAG
SLVALHFTDLLKTESDKTSLKILFTPTANEVFNFISTTKDRVFLATYDNVVAKVVTFTLENEQWTKPVVLKLPYQNAIFG
MSSYEEEEEALITIENSIVPPTIYLWVKTHELKIIRKALYSFDSENYVLEQKEATSFDGVKIPYFLVYKKGIKFDGKNPT
LLEAYGGFQVINAPYFSRIKNEVWVKNAGVSVLANIRGGGEFGPEWHKSAQGIKRQTAFNDFFAVSEELIKQNITSPEYL
GIKGGSNGGLLVSVAMTQRPELFGAVACEVPILDMIRYKEFGAGHSWVTEYGDPEIPNDLLHIKKYAPLENLSLTQKYPT
VLITDSVLDQRVHPWHGRIFEYVLAQNPNTKTYFLESKDSGHGSGSDLKESANYFINLYTFFANALKLKIN
;
_entity_poly.pdbx_strand_id   A
#
loop_
_chem_comp.id
_chem_comp.type
_chem_comp.name
_chem_comp.formula
CL non-polymer 'CHLORIDE ION' 'Cl -1'
EDO non-polymer 1,2-ETHANEDIOL 'C2 H6 O2'
#
# COMPACT_ATOMS: atom_id res chain seq x y z
N ASN A 20 -14.39 -30.66 -13.86
CA ASN A 20 -14.70 -29.54 -14.78
C ASN A 20 -14.72 -28.22 -14.02
N PRO A 21 -14.87 -27.09 -14.74
CA PRO A 21 -15.15 -25.79 -14.14
C PRO A 21 -16.57 -25.68 -13.64
N LYS A 22 -17.45 -26.60 -14.08
CA LYS A 22 -18.78 -26.71 -13.49
C LYS A 22 -18.64 -27.16 -12.01
N GLU A 23 -17.63 -27.95 -11.67
CA GLU A 23 -17.42 -28.41 -10.28
C GLU A 23 -16.97 -27.25 -9.41
N THR A 24 -16.30 -26.28 -10.06
CA THR A 24 -15.66 -25.13 -9.36
C THR A 24 -16.60 -23.91 -9.21
N LYS A 25 -17.74 -23.91 -9.91
CA LYS A 25 -18.47 -22.68 -10.19
C LYS A 25 -19.01 -21.99 -8.92
N PHE A 26 -19.46 -22.78 -7.95
CA PHE A 26 -19.92 -22.23 -6.65
C PHE A 26 -18.94 -21.29 -5.93
N LEU A 27 -17.65 -21.55 -6.06
CA LEU A 27 -16.58 -20.75 -5.40
C LEU A 27 -16.41 -19.34 -6.04
N GLU A 28 -16.94 -19.14 -7.24
CA GLU A 28 -16.89 -17.84 -7.93
C GLU A 28 -17.74 -16.72 -7.28
N GLU A 29 -18.67 -17.13 -6.43
CA GLU A 29 -19.59 -16.26 -5.77
C GLU A 29 -19.01 -15.97 -4.40
N ALA A 30 -18.62 -14.70 -4.18
CA ALA A 30 -17.90 -14.27 -2.95
C ALA A 30 -18.73 -14.58 -1.70
N GLU A 31 -20.04 -14.32 -1.80
CA GLU A 31 -20.94 -14.51 -0.67
C GLU A 31 -21.96 -15.64 -0.95
N GLY A 32 -22.99 -15.71 -0.13
CA GLY A 32 -24.10 -16.60 -0.38
C GLY A 32 -24.18 -17.91 0.38
N VAL A 33 -23.84 -19.01 -0.27
CA VAL A 33 -24.19 -20.32 0.29
C VAL A 33 -23.06 -21.33 0.35
N GLU A 34 -22.83 -22.02 -0.77
CA GLU A 34 -21.99 -23.20 -0.79
C GLU A 34 -20.53 -22.83 -0.61
N ALA A 35 -20.12 -21.75 -1.24
CA ALA A 35 -18.75 -21.23 -1.05
C ALA A 35 -18.45 -20.91 0.42
N LEU A 36 -19.29 -20.11 1.06
CA LEU A 36 -19.04 -19.69 2.47
C LEU A 36 -18.96 -20.86 3.45
N GLU A 37 -19.86 -21.82 3.29
CA GLU A 37 -19.84 -23.01 4.11
C GLU A 37 -18.55 -23.85 3.87
N TRP A 38 -18.22 -24.05 2.61
CA TRP A 38 -17.04 -24.80 2.19
C TRP A 38 -15.82 -24.12 2.84
N ALA A 39 -15.73 -22.81 2.65
CA ALA A 39 -14.63 -22.05 3.19
C ALA A 39 -14.55 -22.07 4.71
N LYS A 40 -15.69 -21.86 5.41
CA LYS A 40 -15.76 -21.94 6.91
C LYS A 40 -15.25 -23.24 7.47
N GLU A 41 -15.62 -24.34 6.81
CA GLU A 41 -15.20 -25.68 7.25
C GLU A 41 -13.71 -25.88 7.11
N ARG A 42 -13.15 -25.44 5.99
CA ARG A 42 -11.73 -25.60 5.77
C ARG A 42 -10.98 -24.67 6.69
N THR A 43 -11.50 -23.47 6.90
CA THR A 43 -10.88 -22.51 7.83
C THR A 43 -10.86 -23.07 9.25
N SER A 44 -11.98 -23.63 9.69
CA SER A 44 -12.07 -24.20 11.03
CA SER A 44 -12.09 -24.23 11.02
C SER A 44 -11.09 -25.36 11.18
N LYS A 45 -11.05 -26.26 10.21
CA LYS A 45 -10.09 -27.37 10.25
C LYS A 45 -8.69 -26.81 10.40
N THR A 46 -8.40 -25.74 9.63
CA THR A 46 -7.06 -25.19 9.62
C THR A 46 -6.73 -24.58 10.96
N GLU A 47 -7.66 -23.82 11.51
CA GLU A 47 -7.37 -23.13 12.77
CA GLU A 47 -7.47 -23.12 12.79
C GLU A 47 -7.17 -24.15 13.89
N LYS A 48 -8.01 -25.17 13.95
CA LYS A 48 -7.86 -26.24 14.94
C LYS A 48 -6.48 -26.95 14.79
N ALA A 49 -6.06 -27.21 13.56
CA ALA A 49 -4.74 -27.81 13.32
C ALA A 49 -3.56 -26.95 13.78
N LEU A 50 -3.63 -25.66 13.52
CA LEU A 50 -2.61 -24.71 13.96
C LEU A 50 -2.59 -24.59 15.50
N GLN A 51 -3.77 -24.55 16.09
CA GLN A 51 -3.91 -24.42 17.52
C GLN A 51 -3.38 -25.67 18.26
N ALA A 52 -3.24 -26.79 17.55
CA ALA A 52 -2.70 -28.04 18.16
C ALA A 52 -1.17 -28.20 18.05
N MET A 53 -0.53 -27.34 17.28
CA MET A 53 0.92 -27.37 17.11
C MET A 53 1.55 -26.88 18.39
N GLN A 54 2.66 -27.48 18.77
CA GLN A 54 3.34 -27.14 20.00
C GLN A 54 3.70 -25.66 20.03
N GLU A 55 3.93 -25.07 18.85
CA GLU A 55 4.45 -23.69 18.81
C GLU A 55 3.36 -22.64 19.01
N TYR A 56 2.09 -23.03 18.92
CA TYR A 56 0.99 -22.05 18.89
C TYR A 56 0.91 -21.15 20.16
N LYS A 57 0.95 -21.79 21.34
CA LYS A 57 0.82 -21.06 22.59
C LYS A 57 1.85 -19.96 22.67
N GLN A 58 3.11 -20.29 22.32
CA GLN A 58 4.22 -19.33 22.45
C GLN A 58 4.12 -18.18 21.42
N ILE A 59 3.94 -18.56 20.16
CA ILE A 59 3.63 -17.60 19.05
C ILE A 59 2.45 -16.69 19.44
N LYS A 60 1.31 -17.23 19.87
CA LYS A 60 0.22 -16.38 20.34
C LYS A 60 0.67 -15.37 21.42
N LYS A 61 1.37 -15.85 22.44
CA LYS A 61 1.86 -14.93 23.45
C LYS A 61 2.69 -13.78 22.88
N GLU A 62 3.62 -14.13 22.01
CA GLU A 62 4.56 -13.16 21.47
C GLU A 62 3.85 -12.13 20.62
N ILE A 63 2.89 -12.58 19.81
CA ILE A 63 2.18 -11.65 18.91
C ILE A 63 1.24 -10.74 19.67
N GLU A 64 0.51 -11.30 20.63
CA GLU A 64 -0.39 -10.50 21.45
C GLU A 64 0.39 -9.44 22.26
N THR A 65 1.56 -9.81 22.76
CA THR A 65 2.38 -8.84 23.51
C THR A 65 2.71 -7.64 22.64
N ILE A 66 2.94 -7.89 21.35
CA ILE A 66 3.34 -6.81 20.45
C ILE A 66 2.12 -6.00 20.00
N PHE A 67 1.08 -6.68 19.58
CA PHE A 67 -0.07 -6.01 18.99
C PHE A 67 -0.82 -5.19 20.02
N TYR A 68 -0.85 -5.65 21.28
CA TYR A 68 -1.62 -4.97 22.32
C TYR A 68 -0.70 -4.20 23.27
N ASP A 69 0.53 -3.97 22.85
CA ASP A 69 1.50 -3.27 23.69
C ASP A 69 1.13 -1.80 23.85
N GLN A 70 0.94 -1.35 25.10
CA GLN A 70 0.75 0.07 25.34
C GLN A 70 2.02 0.89 25.00
N ARG A 71 3.16 0.25 24.82
CA ARG A 71 4.38 0.99 24.42
C ARG A 71 4.58 1.07 22.91
N LYS A 72 3.60 0.64 22.10
CA LYS A 72 3.68 0.90 20.61
C LYS A 72 3.87 2.38 20.32
N THR A 73 4.60 2.68 19.26
CA THR A 73 4.91 4.06 18.92
C THR A 73 3.71 4.71 18.29
N PRO A 74 3.24 5.84 18.88
CA PRO A 74 2.06 6.52 18.30
C PRO A 74 2.47 7.53 17.21
N TYR A 75 2.60 7.09 15.99
CA TYR A 75 3.03 7.93 14.89
C TYR A 75 1.95 8.96 14.62
N GLY A 76 2.35 10.10 14.13
CA GLY A 76 1.34 11.13 13.84
C GLY A 76 1.67 12.18 12.82
N VAL A 77 0.81 13.20 12.78
CA VAL A 77 0.91 14.34 11.86
C VAL A 77 0.52 15.61 12.66
N ILE A 78 1.28 16.69 12.46
CA ILE A 78 1.04 17.96 13.10
C ILE A 78 0.10 18.84 12.25
N ARG A 79 -0.95 19.30 12.91
CA ARG A 79 -1.81 20.38 12.42
C ARG A 79 -2.17 21.35 13.54
N LYS A 80 -1.87 22.62 13.31
CA LYS A 80 -2.26 23.74 14.17
C LYS A 80 -2.00 23.47 15.65
N GLY A 81 -0.77 23.05 15.92
CA GLY A 81 -0.26 22.91 17.31
C GLY A 81 -0.56 21.58 17.98
N TYR A 82 -1.20 20.67 17.24
CA TYR A 82 -1.54 19.34 17.76
C TYR A 82 -0.96 18.27 16.87
N VAL A 83 -0.66 17.11 17.47
CA VAL A 83 -0.35 15.92 16.77
C VAL A 83 -1.54 15.01 16.81
N TYR A 84 -1.92 14.58 15.62
CA TYR A 84 -3.03 13.63 15.39
C TYR A 84 -2.49 12.22 15.22
N ASN A 85 -3.19 11.23 15.78
CA ASN A 85 -2.73 9.85 15.83
C ASN A 85 -3.95 8.94 15.72
N PHE A 86 -3.74 7.77 15.11
CA PHE A 86 -4.74 6.74 15.10
C PHE A 86 -4.20 5.55 15.85
N TRP A 87 -4.91 5.15 16.90
CA TRP A 87 -4.47 4.13 17.91
C TRP A 87 -5.42 2.93 18.02
N MET A 88 -4.87 1.74 17.89
CA MET A 88 -5.59 0.51 18.15
C MET A 88 -4.90 -0.29 19.26
N ASP A 89 -5.71 -0.96 20.06
CA ASP A 89 -5.17 -1.96 21.02
C ASP A 89 -6.21 -3.01 21.31
N ASP A 90 -6.03 -3.83 22.36
CA ASP A 90 -7.05 -4.88 22.62
C ASP A 90 -8.37 -4.31 23.15
N LYS A 91 -8.34 -3.14 23.79
CA LYS A 91 -9.58 -2.49 24.24
C LYS A 91 -10.29 -1.83 23.08
N ASN A 92 -9.52 -1.31 22.12
CA ASN A 92 -10.06 -0.54 20.96
C ASN A 92 -9.47 -1.11 19.69
N PRO A 93 -9.93 -2.30 19.33
CA PRO A 93 -9.38 -2.88 18.12
C PRO A 93 -9.75 -2.20 16.81
N GLN A 94 -10.91 -1.55 16.75
CA GLN A 94 -11.29 -0.76 15.57
C GLN A 94 -10.53 0.56 15.59
N GLY A 95 -10.35 1.12 16.79
CA GLY A 95 -9.40 2.23 16.99
C GLY A 95 -9.97 3.59 17.40
N LEU A 96 -9.04 4.45 17.81
CA LEU A 96 -9.30 5.79 18.28
C LEU A 96 -8.56 6.78 17.42
N TRP A 97 -9.28 7.74 16.86
CA TRP A 97 -8.65 8.92 16.29
C TRP A 97 -8.55 9.99 17.38
N ARG A 98 -7.31 10.44 17.61
CA ARG A 98 -7.00 11.23 18.81
C ARG A 98 -5.88 12.25 18.56
N ARG A 99 -5.79 13.21 19.47
CA ARG A 99 -4.78 14.25 19.33
C ARG A 99 -4.20 14.72 20.67
N THR A 100 -3.02 15.32 20.56
CA THR A 100 -2.38 15.94 21.72
C THR A 100 -1.56 17.13 21.29
N LEU A 101 -1.43 18.10 22.19
CA LEU A 101 -0.57 19.24 21.92
C LEU A 101 0.86 18.76 21.57
N VAL A 102 1.50 19.44 20.62
CA VAL A 102 2.79 19.09 20.14
C VAL A 102 3.75 19.07 21.36
N ASP A 103 3.60 20.02 22.29
CA ASP A 103 4.48 20.01 23.47
C ASP A 103 4.37 18.71 24.32
N ASN A 104 3.22 18.07 24.33
CA ASN A 104 3.02 16.84 25.07
C ASN A 104 3.57 15.61 24.37
N TYR A 105 3.75 15.73 23.06
CA TYR A 105 4.07 14.55 22.21
C TYR A 105 5.46 14.03 22.53
N SER A 106 6.28 14.85 23.16
CA SER A 106 7.62 14.41 23.59
C SER A 106 7.59 13.62 24.87
N LYS A 107 6.46 13.60 25.56
CA LYS A 107 6.36 12.85 26.83
C LYS A 107 6.15 11.38 26.57
N ASP A 108 6.72 10.49 27.40
CA ASP A 108 6.51 9.06 27.13
C ASP A 108 5.03 8.72 26.98
N LYS A 109 4.19 9.26 27.87
CA LYS A 109 2.75 8.96 27.87
C LYS A 109 1.94 10.24 27.79
N PRO A 110 1.75 10.78 26.57
CA PRO A 110 1.01 12.02 26.38
C PRO A 110 -0.46 11.89 26.83
N ASN A 111 -1.07 13.02 27.19
CA ASN A 111 -2.50 13.11 27.52
C ASN A 111 -3.22 13.29 26.17
N TRP A 112 -3.79 12.21 25.68
CA TRP A 112 -4.45 12.24 24.36
C TRP A 112 -5.92 12.65 24.55
N GLU A 113 -6.42 13.47 23.65
CA GLU A 113 -7.84 13.83 23.57
C GLU A 113 -8.44 12.90 22.49
N VAL A 114 -9.42 12.06 22.87
CA VAL A 114 -10.04 11.14 21.90
C VAL A 114 -11.05 11.96 21.10
N LEU A 115 -11.00 11.82 19.79
CA LEU A 115 -11.89 12.57 18.91
C LEU A 115 -13.01 11.68 18.38
N ILE A 116 -12.66 10.52 17.85
CA ILE A 116 -13.61 9.53 17.40
C ILE A 116 -13.17 8.15 17.84
N ASP A 117 -14.07 7.46 18.54
CA ASP A 117 -13.90 6.06 18.94
C ASP A 117 -14.68 5.17 17.95
N PHE A 118 -13.93 4.45 17.11
CA PHE A 118 -14.56 3.64 16.06
C PHE A 118 -15.14 2.35 16.60
N ASP A 119 -14.68 1.92 17.77
CA ASP A 119 -15.30 0.76 18.44
C ASP A 119 -16.72 1.11 18.90
N LYS A 120 -16.88 2.29 19.46
CA LYS A 120 -18.22 2.79 19.86
C LYS A 120 -19.13 2.96 18.66
N LEU A 121 -18.60 3.52 17.58
CA LEU A 121 -19.36 3.68 16.36
C LEU A 121 -19.85 2.36 15.82
N SER A 122 -18.96 1.36 15.86
CA SER A 122 -19.26 0.04 15.34
C SER A 122 -20.38 -0.62 16.16
N LYS A 123 -20.24 -0.53 17.48
CA LYS A 123 -21.25 -1.05 18.42
C LYS A 123 -22.61 -0.45 18.10
N LYS A 124 -22.67 0.87 17.93
CA LYS A 124 -23.89 1.56 17.53
C LYS A 124 -24.55 0.98 16.28
N ILE A 125 -23.82 0.98 15.17
CA ILE A 125 -24.34 0.56 13.87
C ILE A 125 -24.59 -0.95 13.82
N GLY A 126 -23.78 -1.72 14.51
CA GLY A 126 -23.86 -3.19 14.43
C GLY A 126 -22.98 -3.85 13.38
N LYS A 127 -21.94 -3.13 12.91
CA LYS A 127 -21.00 -3.64 11.91
C LYS A 127 -19.66 -2.97 12.16
N LYS A 128 -18.57 -3.63 11.78
CA LYS A 128 -17.23 -3.07 11.95
C LYS A 128 -17.20 -1.81 11.06
N VAL A 129 -16.96 -0.63 11.62
CA VAL A 129 -16.75 0.62 10.85
C VAL A 129 -15.28 0.96 10.98
N ALA A 130 -14.54 0.87 9.88
CA ALA A 130 -13.12 1.11 9.81
C ALA A 130 -12.81 2.55 9.43
N TYR A 131 -11.86 3.17 10.14
CA TYR A 131 -11.32 4.49 9.80
C TYR A 131 -10.45 4.40 8.57
N ARG A 132 -10.72 5.28 7.61
CA ARG A 132 -10.00 5.29 6.34
C ARG A 132 -9.41 6.68 5.97
N GLY A 133 -9.25 7.55 6.96
CA GLY A 133 -8.55 8.83 6.78
C GLY A 133 -9.51 10.01 6.86
N VAL A 134 -8.95 11.21 6.79
CA VAL A 134 -9.73 12.44 7.00
C VAL A 134 -9.28 13.48 6.01
N SER A 135 -10.16 14.44 5.73
CA SER A 135 -9.82 15.62 4.95
C SER A 135 -10.39 16.84 5.66
N ASN A 136 -9.51 17.80 5.95
CA ASN A 136 -9.85 18.98 6.69
C ASN A 136 -10.21 20.16 5.77
N CYS A 137 -11.22 20.94 6.15
CA CYS A 137 -11.70 22.06 5.34
C CYS A 137 -10.81 23.28 5.57
N PHE A 138 -10.29 23.89 4.51
CA PHE A 138 -9.38 25.03 4.71
C PHE A 138 -10.14 26.27 5.16
N GLN A 139 -11.34 26.45 4.66
CA GLN A 139 -12.14 27.65 4.91
C GLN A 139 -12.74 27.61 6.33
N ASN A 140 -12.98 26.42 6.86
CA ASN A 140 -13.37 26.20 8.22
C ASN A 140 -12.71 24.97 8.79
N PRO A 141 -11.53 25.13 9.41
CA PRO A 141 -10.72 23.97 9.79
C PRO A 141 -11.26 23.16 10.93
N ASN A 142 -12.37 23.57 11.53
CA ASN A 142 -13.08 22.68 12.45
C ASN A 142 -13.82 21.53 11.73
N ARG A 143 -14.00 21.66 10.43
CA ARG A 143 -14.80 20.65 9.71
C ARG A 143 -13.87 19.65 9.04
N TYR A 144 -14.19 18.36 9.22
CA TYR A 144 -13.47 17.25 8.61
C TYR A 144 -14.46 16.36 7.90
N LEU A 145 -14.05 15.77 6.78
CA LEU A 145 -14.79 14.65 6.19
C LEU A 145 -14.08 13.39 6.62
N ILE A 146 -14.76 12.53 7.35
CA ILE A 146 -14.16 11.31 7.86
C ILE A 146 -14.49 10.17 6.92
N SER A 147 -13.48 9.61 6.26
CA SER A 147 -13.65 8.42 5.42
C SER A 147 -13.70 7.15 6.23
N MET A 148 -14.60 6.27 5.81
CA MET A 148 -14.93 5.03 6.54
C MET A 148 -15.34 3.94 5.56
N SER A 149 -15.14 2.69 5.99
CA SER A 149 -15.64 1.55 5.24
C SER A 149 -16.24 0.55 6.20
N PHE A 150 -17.09 -0.33 5.68
CA PHE A 150 -17.53 -1.47 6.49
C PHE A 150 -16.48 -2.57 6.32
N GLY A 151 -15.83 -2.91 7.43
CA GLY A 151 -14.69 -3.85 7.37
C GLY A 151 -13.64 -3.43 6.38
N GLY A 152 -13.04 -4.42 5.71
CA GLY A 152 -11.96 -4.20 4.78
C GLY A 152 -12.45 -4.08 3.35
N LYS A 153 -13.71 -3.68 3.15
CA LYS A 153 -14.14 -3.39 1.79
C LYS A 153 -13.32 -2.25 1.17
N ASP A 154 -13.15 -2.28 -0.15
CA ASP A 154 -12.62 -1.15 -0.91
C ASP A 154 -13.71 -0.05 -1.03
N GLU A 155 -14.95 -0.48 -1.13
CA GLU A 155 -16.09 0.44 -1.10
C GLU A 155 -16.05 1.20 0.19
N MET A 156 -16.29 2.51 0.10
CA MET A 156 -16.23 3.38 1.26
C MET A 156 -17.20 4.56 1.13
N PHE A 157 -17.36 5.27 2.24
CA PHE A 157 -18.27 6.42 2.34
C PHE A 157 -17.57 7.42 3.27
N PHE A 158 -18.27 8.46 3.70
CA PHE A 158 -17.67 9.44 4.60
C PHE A 158 -18.78 10.09 5.36
N ARG A 159 -18.42 10.78 6.45
CA ARG A 159 -19.36 11.57 7.20
C ARG A 159 -18.66 12.83 7.64
N GLU A 160 -19.35 13.96 7.55
CA GLU A 160 -18.78 15.24 8.01
C GLU A 160 -18.82 15.36 9.53
N TRP A 161 -17.76 15.93 10.10
CA TRP A 161 -17.54 15.89 11.53
C TRP A 161 -16.97 17.23 11.98
N ASP A 162 -17.36 17.67 13.17
CA ASP A 162 -16.96 18.98 13.66
C ASP A 162 -16.11 18.93 14.97
N LEU A 163 -14.96 19.56 14.92
CA LEU A 163 -13.96 19.52 16.03
C LEU A 163 -14.41 20.27 17.29
N GLU A 164 -15.13 21.38 17.11
CA GLU A 164 -15.65 22.14 18.26
C GLU A 164 -16.69 21.30 19.00
N LYS A 165 -17.60 20.68 18.25
CA LYS A 165 -18.61 19.79 18.81
C LYS A 165 -18.09 18.39 19.20
N LYS A 166 -16.93 17.99 18.65
CA LYS A 166 -16.40 16.60 18.76
C LYS A 166 -17.47 15.57 18.41
N ASP A 167 -18.18 15.84 17.31
CA ASP A 167 -19.27 14.97 16.87
C ASP A 167 -19.54 15.18 15.40
N PHE A 168 -20.25 14.21 14.82
CA PHE A 168 -20.71 14.30 13.45
C PHE A 168 -21.71 15.47 13.28
N VAL A 169 -21.66 16.08 12.11
CA VAL A 169 -22.51 17.21 11.82
C VAL A 169 -23.90 16.67 11.43
N LYS A 170 -24.92 17.00 12.23
CA LYS A 170 -26.32 16.66 11.89
C LYS A 170 -26.68 17.17 10.49
N ASN A 171 -27.05 16.26 9.58
CA ASN A 171 -27.42 16.58 8.17
C ASN A 171 -26.23 17.14 7.35
N GLY A 172 -25.00 16.86 7.80
CA GLY A 172 -23.81 17.27 7.07
C GLY A 172 -23.54 16.41 5.86
N PHE A 173 -22.43 16.66 5.18
CA PHE A 173 -22.04 15.84 4.03
C PHE A 173 -21.83 14.36 4.39
N GLU A 174 -22.62 13.51 3.74
CA GLU A 174 -22.60 12.04 3.95
C GLU A 174 -23.41 11.53 2.76
N PRO A 175 -22.89 10.53 2.03
CA PRO A 175 -23.54 10.20 0.78
C PRO A 175 -24.75 9.28 0.96
N ILE A 176 -25.87 9.87 1.30
CA ILE A 176 -27.12 9.17 1.53
C ILE A 176 -28.21 9.71 0.62
N THR A 177 -29.09 8.83 0.16
CA THR A 177 -30.19 9.28 -0.65
C THR A 177 -31.33 9.93 0.14
N ASN A 178 -32.37 10.37 -0.57
CA ASN A 178 -33.54 10.93 0.11
CA ASN A 178 -33.64 10.83 0.02
C ASN A 178 -34.40 9.90 0.91
N SER A 179 -34.09 8.60 0.83
CA SER A 179 -34.66 7.63 1.76
C SER A 179 -33.76 7.32 2.94
N GLY A 180 -32.57 7.90 2.96
CA GLY A 180 -31.56 7.54 3.95
C GLY A 180 -30.60 6.47 3.53
N LYS A 181 -30.73 5.98 2.31
CA LYS A 181 -29.87 4.88 1.87
C LYS A 181 -28.43 5.36 1.66
N LEU A 182 -27.47 4.67 2.25
CA LEU A 182 -26.06 5.02 2.14
C LEU A 182 -25.44 4.46 0.86
N LEU A 183 -24.79 5.35 0.10
CA LEU A 183 -24.17 4.99 -1.13
C LEU A 183 -22.67 4.76 -0.87
N GLU A 184 -22.14 3.67 -1.40
CA GLU A 184 -20.73 3.31 -1.25
C GLU A 184 -20.08 3.21 -2.59
N GLY A 185 -18.78 3.45 -2.64
CA GLY A 185 -18.05 3.33 -3.90
C GLY A 185 -16.60 2.99 -3.60
N LYS A 186 -15.98 2.18 -4.47
CA LYS A 186 -14.58 1.79 -4.22
C LYS A 186 -13.66 3.00 -4.29
N PHE A 187 -13.02 3.28 -3.18
CA PHE A 187 -12.13 4.43 -3.00
C PHE A 187 -12.81 5.76 -3.42
N THR A 188 -14.06 5.87 -3.05
CA THR A 188 -14.76 7.17 -3.05
C THR A 188 -14.18 7.99 -1.95
N TYR A 189 -13.52 9.08 -2.32
CA TYR A 189 -12.98 10.04 -1.40
C TYR A 189 -13.40 11.46 -1.80
N PRO A 190 -13.76 12.29 -0.80
CA PRO A 190 -14.20 13.66 -1.13
C PRO A 190 -13.09 14.68 -0.98
N THR A 191 -13.23 15.77 -1.74
CA THR A 191 -12.36 16.91 -1.74
C THR A 191 -13.20 18.17 -1.46
N TRP A 192 -12.77 18.98 -0.46
CA TRP A 192 -13.46 20.23 -0.23
C TRP A 192 -13.21 21.26 -1.37
N ILE A 193 -14.27 21.96 -1.80
CA ILE A 193 -14.23 23.07 -2.79
CA ILE A 193 -14.05 23.08 -2.69
C ILE A 193 -14.22 24.38 -1.94
N ASN A 194 -15.18 24.46 -1.02
CA ASN A 194 -15.27 25.55 -0.10
C ASN A 194 -16.01 25.05 1.14
N LYS A 195 -16.34 25.91 2.08
CA LYS A 195 -16.91 25.38 3.31
C LYS A 195 -18.29 24.72 3.12
N ASP A 196 -18.90 24.97 1.96
CA ASP A 196 -20.25 24.48 1.64
C ASP A 196 -20.34 23.66 0.35
N THR A 197 -19.20 23.13 -0.13
CA THR A 197 -19.21 22.45 -1.41
C THR A 197 -18.10 21.42 -1.45
N ILE A 198 -18.44 20.22 -1.88
CA ILE A 198 -17.41 19.18 -2.10
C ILE A 198 -17.49 18.62 -3.52
N ILE A 199 -16.40 18.00 -3.94
CA ILE A 199 -16.41 17.22 -5.15
C ILE A 199 -15.98 15.79 -4.81
N PHE A 200 -16.54 14.80 -5.46
CA PHE A 200 -16.18 13.41 -5.16
C PHE A 200 -16.57 12.45 -6.27
N ASN A 201 -15.92 11.27 -6.23
CA ASN A 201 -16.16 10.18 -7.17
C ASN A 201 -17.27 9.30 -6.61
N LEU A 202 -18.49 9.83 -6.75
CA LEU A 202 -19.76 9.29 -6.27
C LEU A 202 -20.39 8.27 -7.24
N VAL A 203 -20.80 7.12 -6.72
CA VAL A 203 -21.61 6.17 -7.48
C VAL A 203 -23.05 6.41 -7.12
N LEU A 204 -23.69 7.32 -7.84
CA LEU A 204 -25.07 7.69 -7.51
C LEU A 204 -26.01 6.63 -8.08
N HIS A 205 -25.75 6.26 -9.32
CA HIS A 205 -26.50 5.24 -10.04
C HIS A 205 -25.63 3.97 -10.17
N LYS A 206 -26.24 2.79 -10.09
CA LYS A 206 -25.57 1.49 -10.21
C LYS A 206 -24.55 1.35 -11.34
N ASN A 207 -24.87 1.94 -12.47
CA ASN A 207 -24.06 1.81 -13.67
C ASN A 207 -22.86 2.78 -13.77
N GLU A 208 -22.68 3.63 -12.74
CA GLU A 208 -21.63 4.66 -12.78
C GLU A 208 -20.31 4.08 -12.28
N ILE A 209 -19.89 3.00 -12.95
CA ILE A 209 -18.65 2.30 -12.62
C ILE A 209 -17.95 1.86 -13.90
N THR A 210 -16.63 1.70 -13.83
CA THR A 210 -15.84 1.22 -14.94
C THR A 210 -15.86 -0.30 -14.92
N SER A 211 -15.22 -0.91 -15.91
CA SER A 211 -15.06 -2.36 -15.94
C SER A 211 -14.19 -2.90 -14.84
N SER A 212 -13.41 -2.02 -14.19
CA SER A 212 -12.59 -2.38 -13.04
C SER A 212 -13.39 -2.16 -11.74
N LEU A 213 -14.62 -1.67 -11.89
CA LEU A 213 -15.66 -1.53 -10.86
C LEU A 213 -15.43 -0.31 -9.96
N TYR A 214 -14.53 0.58 -10.36
CA TYR A 214 -14.34 1.86 -9.65
C TYR A 214 -15.37 2.86 -10.14
N PRO A 215 -15.70 3.85 -9.31
CA PRO A 215 -16.59 4.93 -9.80
C PRO A 215 -16.06 5.58 -11.07
N ASN A 216 -16.96 5.79 -12.04
CA ASN A 216 -16.59 6.43 -13.27
C ASN A 216 -16.92 7.94 -13.36
N SER A 217 -17.51 8.50 -12.31
CA SER A 217 -18.00 9.89 -12.39
C SER A 217 -17.54 10.76 -11.26
N LEU A 218 -17.50 12.07 -11.47
CA LEU A 218 -17.30 13.04 -10.43
C LEU A 218 -18.51 13.91 -10.34
N TYR A 219 -18.95 14.16 -9.13
CA TYR A 219 -20.07 15.03 -8.79
C TYR A 219 -19.61 16.16 -7.86
N ILE A 220 -20.24 17.32 -8.04
CA ILE A 220 -20.08 18.45 -7.11
C ILE A 220 -21.39 18.58 -6.32
N TRP A 221 -21.28 18.85 -5.02
CA TRP A 221 -22.42 18.77 -4.11
C TRP A 221 -22.37 19.91 -3.12
N LYS A 222 -23.48 20.63 -3.04
CA LYS A 222 -23.69 21.82 -2.21
C LYS A 222 -24.40 21.49 -0.93
N ARG A 223 -23.96 22.14 0.12
CA ARG A 223 -24.56 22.01 1.43
C ARG A 223 -26.03 22.36 1.37
N GLY A 224 -26.82 21.53 2.04
CA GLY A 224 -28.24 21.71 2.20
C GLY A 224 -29.08 21.03 1.16
N GLU A 225 -28.46 20.61 0.04
CA GLU A 225 -29.19 19.98 -1.08
C GLU A 225 -29.13 18.46 -1.00
N SER A 226 -30.23 17.82 -1.41
CA SER A 226 -30.25 16.36 -1.51
CA SER A 226 -30.25 16.36 -1.50
C SER A 226 -29.18 15.90 -2.49
N ILE A 227 -28.66 14.70 -2.30
CA ILE A 227 -27.62 14.14 -3.16
C ILE A 227 -28.15 13.91 -4.57
N GLU A 228 -29.44 13.74 -4.69
CA GLU A 228 -30.10 13.71 -6.00
C GLU A 228 -30.00 14.96 -6.80
N LYS A 229 -29.69 16.07 -6.15
CA LYS A 229 -29.47 17.33 -6.81
C LYS A 229 -28.02 17.61 -7.21
N ALA A 230 -27.11 16.73 -6.79
CA ALA A 230 -25.70 16.94 -7.09
C ALA A 230 -25.47 16.88 -8.57
N LYS A 231 -24.57 17.73 -9.04
CA LYS A 231 -24.31 17.88 -10.43
C LYS A 231 -23.12 17.06 -10.88
N LYS A 232 -23.35 16.19 -11.85
CA LYS A 232 -22.27 15.44 -12.47
C LYS A 232 -21.36 16.38 -13.26
N LEU A 233 -20.06 16.33 -13.01
CA LEU A 233 -19.11 17.17 -13.75
C LEU A 233 -18.26 16.43 -14.75
N PHE A 234 -18.10 15.12 -14.58
CA PHE A 234 -17.11 14.42 -15.39
C PHE A 234 -17.44 12.94 -15.35
N GLU A 235 -17.25 12.27 -16.50
CA GLU A 235 -17.43 10.82 -16.56
C GLU A 235 -16.38 10.22 -17.46
N VAL A 236 -15.80 9.09 -17.06
CA VAL A 236 -14.87 8.40 -17.96
C VAL A 236 -15.52 7.18 -18.64
N PRO A 237 -14.97 6.77 -19.80
CA PRO A 237 -15.47 5.53 -20.40
C PRO A 237 -15.30 4.30 -19.50
N LYS A 238 -16.14 3.29 -19.75
CA LYS A 238 -16.11 2.05 -19.03
C LYS A 238 -14.75 1.36 -19.09
N GLU A 239 -14.01 1.56 -20.18
CA GLU A 239 -12.74 0.86 -20.37
C GLU A 239 -11.64 1.53 -19.57
N TYR A 240 -11.84 2.77 -19.11
CA TYR A 240 -10.85 3.40 -18.21
C TYR A 240 -10.88 2.69 -16.84
N ILE A 241 -9.85 2.90 -16.03
CA ILE A 241 -9.77 2.23 -14.72
C ILE A 241 -10.56 3.00 -13.68
N TYR A 242 -10.21 4.29 -13.50
CA TYR A 242 -10.89 5.07 -12.46
C TYR A 242 -10.75 6.56 -12.78
N VAL A 243 -11.54 7.38 -12.06
CA VAL A 243 -11.36 8.82 -12.06
C VAL A 243 -11.29 9.35 -10.64
N SER A 244 -10.41 10.31 -10.42
CA SER A 244 -10.23 10.88 -9.06
C SER A 244 -10.17 12.40 -9.16
N ALA A 245 -10.43 13.05 -8.03
CA ALA A 245 -10.29 14.50 -7.87
C ALA A 245 -9.47 14.73 -6.63
N GLY A 246 -8.66 15.76 -6.66
CA GLY A 246 -7.89 16.18 -5.50
C GLY A 246 -7.44 17.61 -5.71
N LYS A 247 -6.80 18.23 -4.73
CA LYS A 247 -6.26 19.59 -4.94
C LYS A 247 -5.00 19.58 -5.77
N LEU A 248 -4.89 20.55 -6.69
CA LEU A 248 -3.66 20.71 -7.47
C LEU A 248 -2.47 21.26 -6.65
N LEU A 249 -2.80 22.28 -5.87
CA LEU A 249 -1.83 23.02 -5.00
C LEU A 249 -2.23 22.90 -3.55
N SER A 250 -1.38 23.40 -2.64
CA SER A 250 -1.78 23.57 -1.26
C SER A 250 -3.00 24.51 -1.19
N ASP A 251 -3.99 24.25 -0.33
CA ASP A 251 -5.10 25.16 -0.08
C ASP A 251 -4.57 26.56 0.29
N THR A 252 -3.35 26.64 0.88
CA THR A 252 -2.87 27.97 1.26
C THR A 252 -2.50 28.82 0.05
N ILE A 253 -2.35 28.20 -1.11
CA ILE A 253 -2.06 28.87 -2.36
C ILE A 253 -3.34 28.96 -3.21
N SER A 254 -4.03 27.82 -3.36
CA SER A 254 -5.33 27.82 -4.04
C SER A 254 -6.21 26.74 -3.46
N SER A 255 -7.45 27.10 -3.17
CA SER A 255 -8.47 26.11 -2.79
CA SER A 255 -8.47 26.10 -2.82
C SER A 255 -9.43 25.79 -3.96
N SER A 256 -9.22 26.43 -5.09
CA SER A 256 -10.14 26.35 -6.17
C SER A 256 -9.59 25.61 -7.40
N LEU A 257 -8.34 25.23 -7.38
CA LEU A 257 -7.82 24.48 -8.50
C LEU A 257 -7.87 23.01 -8.10
N ILE A 258 -8.64 22.24 -8.86
CA ILE A 258 -8.79 20.84 -8.64
C ILE A 258 -8.12 20.04 -9.76
N PHE A 259 -7.35 19.02 -9.36
CA PHE A 259 -6.70 18.12 -10.28
C PHE A 259 -7.62 16.95 -10.50
N ILE A 260 -8.03 16.77 -11.73
CA ILE A 260 -8.89 15.62 -12.12
C ILE A 260 -8.02 14.67 -12.86
N SER A 261 -7.99 13.40 -12.40
CA SER A 261 -7.11 12.41 -12.96
C SER A 261 -7.91 11.17 -13.39
N ALA A 262 -7.90 10.92 -14.69
CA ALA A 262 -8.57 9.78 -15.32
C ALA A 262 -7.50 8.76 -15.73
N ASN A 263 -7.49 7.66 -15.02
CA ASN A 263 -6.49 6.64 -15.24
C ASN A 263 -7.07 5.70 -16.33
N LYS A 264 -6.41 5.70 -17.48
CA LYS A 264 -6.91 4.97 -18.66
C LYS A 264 -6.61 3.47 -18.57
N ASP A 265 -5.37 3.14 -18.31
CA ASP A 265 -4.90 1.73 -18.37
C ASP A 265 -3.90 1.32 -17.30
N PHE A 266 -4.02 1.98 -16.14
CA PHE A 266 -3.19 1.82 -14.97
C PHE A 266 -1.97 2.77 -14.97
N TYR A 267 -1.28 2.87 -16.12
CA TYR A 267 -0.03 3.67 -16.25
C TYR A 267 -0.18 4.95 -17.03
N ASN A 268 -1.20 5.05 -17.89
CA ASN A 268 -1.45 6.27 -18.67
C ASN A 268 -2.74 6.97 -18.27
N TYR A 269 -2.73 8.30 -18.37
CA TYR A 269 -3.76 9.10 -17.84
C TYR A 269 -4.18 10.19 -18.80
N ASP A 270 -5.44 10.66 -18.64
CA ASP A 270 -5.90 11.97 -19.07
C ASP A 270 -6.09 12.80 -17.82
N ASN A 271 -5.39 13.92 -17.70
CA ASN A 271 -5.47 14.75 -16.50
C ASN A 271 -5.96 16.16 -16.88
N TYR A 272 -6.63 16.81 -15.96
CA TYR A 272 -7.24 18.10 -16.19
C TYR A 272 -7.12 19.02 -14.95
N ILE A 273 -7.17 20.31 -15.22
CA ILE A 273 -7.40 21.26 -14.16
C ILE A 273 -8.84 21.68 -14.24
N LEU A 274 -9.55 21.54 -13.13
CA LEU A 274 -10.92 22.08 -12.97
C LEU A 274 -10.77 23.33 -12.09
N ASP A 275 -11.12 24.48 -12.66
CA ASP A 275 -10.99 25.72 -11.94
C ASP A 275 -12.40 26.10 -11.46
N THR A 276 -12.57 26.31 -10.16
CA THR A 276 -13.95 26.37 -9.60
C THR A 276 -14.43 27.78 -9.21
N LYS A 277 -13.64 28.81 -9.50
CA LYS A 277 -13.92 30.12 -8.89
C LYS A 277 -14.61 31.09 -9.81
N TYR A 278 -14.87 30.73 -11.07
CA TYR A 278 -15.45 31.72 -12.00
C TYR A 278 -16.96 31.55 -12.11
N LYS A 279 -17.64 32.41 -12.86
CA LYS A 279 -19.08 32.21 -13.02
C LYS A 279 -19.39 30.76 -13.48
N ASN A 280 -18.66 30.30 -14.50
CA ASN A 280 -18.87 29.02 -15.07
C ASN A 280 -17.64 28.23 -14.65
N LEU A 281 -17.83 26.96 -14.39
CA LEU A 281 -16.68 26.07 -14.22
C LEU A 281 -15.87 25.94 -15.51
N LYS A 282 -14.56 25.68 -15.38
CA LYS A 282 -13.67 25.56 -16.51
C LYS A 282 -12.88 24.28 -16.35
N LEU A 283 -12.88 23.46 -17.40
CA LEU A 283 -12.14 22.21 -17.38
C LEU A 283 -11.16 22.22 -18.56
N GLN A 284 -9.88 22.13 -18.23
CA GLN A 284 -8.84 22.27 -19.21
C GLN A 284 -7.82 21.13 -19.13
N LYS A 285 -7.55 20.53 -20.30
CA LYS A 285 -6.74 19.34 -20.38
C LYS A 285 -5.27 19.66 -20.18
N ILE A 286 -4.63 18.89 -19.29
CA ILE A 286 -3.20 19.03 -19.02
C ILE A 286 -2.39 18.35 -20.14
N ASN A 287 -1.41 19.10 -20.64
CA ASN A 287 -0.48 18.64 -21.65
C ASN A 287 0.84 18.26 -20.96
N MET A 288 0.90 16.97 -20.58
CA MET A 288 2.10 16.34 -20.04
C MET A 288 2.16 14.92 -20.59
N PRO A 289 3.34 14.31 -20.54
CA PRO A 289 3.39 12.91 -20.97
C PRO A 289 2.31 12.06 -20.29
N SER A 290 1.66 11.16 -21.03
CA SER A 290 0.52 10.45 -20.51
C SER A 290 0.81 9.54 -19.31
N ASP A 291 2.08 9.14 -19.13
CA ASP A 291 2.48 8.29 -18.00
C ASP A 291 3.29 9.06 -16.97
N ALA A 292 3.37 10.38 -17.10
CA ALA A 292 3.93 11.21 -16.02
C ALA A 292 2.89 11.37 -14.91
N THR A 293 3.35 11.46 -13.65
CA THR A 293 2.47 11.55 -12.50
C THR A 293 2.77 12.73 -11.60
N LEU A 294 1.72 13.37 -11.14
CA LEU A 294 1.83 14.46 -10.20
C LEU A 294 2.27 13.99 -8.84
N GLN A 295 3.33 14.60 -8.34
CA GLN A 295 3.93 14.18 -7.06
C GLN A 295 3.82 15.16 -5.90
N GLY A 296 3.32 16.35 -6.16
CA GLY A 296 3.23 17.38 -5.14
C GLY A 296 3.32 18.77 -5.74
N SER A 297 3.39 19.76 -4.85
CA SER A 297 3.49 21.19 -5.23
C SER A 297 4.20 21.98 -4.14
N PHE A 298 4.57 23.20 -4.51
CA PHE A 298 5.12 24.17 -3.60
C PHE A 298 4.79 25.52 -4.23
N LYS A 299 4.14 26.39 -3.46
CA LYS A 299 3.64 27.65 -4.01
C LYS A 299 2.86 27.32 -5.28
N GLU A 300 3.10 28.04 -6.36
CA GLU A 300 2.35 27.83 -7.61
C GLU A 300 3.03 26.82 -8.56
N TYR A 301 4.02 26.05 -8.09
CA TYR A 301 4.76 25.11 -8.91
C TYR A 301 4.34 23.66 -8.59
N VAL A 302 4.38 22.76 -9.56
CA VAL A 302 3.99 21.38 -9.44
C VAL A 302 5.13 20.49 -9.88
N PHE A 303 5.26 19.35 -9.22
CA PHE A 303 6.33 18.38 -9.45
C PHE A 303 5.79 17.16 -10.10
N TRP A 304 6.46 16.67 -11.17
CA TRP A 304 5.99 15.57 -11.95
C TRP A 304 7.12 14.57 -12.15
N LEU A 305 6.78 13.31 -11.91
CA LEU A 305 7.68 12.18 -12.13
C LEU A 305 7.46 11.61 -13.52
N LEU A 306 8.57 11.28 -14.19
CA LEU A 306 8.53 10.64 -15.50
C LEU A 306 8.66 9.13 -15.38
N ARG A 307 7.78 8.42 -16.09
CA ARG A 307 7.90 6.96 -16.21
C ARG A 307 8.66 6.58 -17.52
N SER A 308 8.58 7.46 -18.53
CA SER A 308 9.28 7.27 -19.79
C SER A 308 10.14 8.48 -20.11
N ASP A 309 11.11 8.26 -21.02
CA ASP A 309 11.92 9.39 -21.51
C ASP A 309 10.99 10.41 -22.17
N TRP A 310 11.31 11.69 -21.98
CA TRP A 310 10.55 12.79 -22.59
C TRP A 310 11.49 13.63 -23.47
N LYS A 311 11.27 13.60 -24.81
CA LYS A 311 12.01 14.50 -25.73
C LYS A 311 11.34 15.84 -25.60
N PHE A 312 11.94 16.75 -24.84
CA PHE A 312 11.32 18.05 -24.50
C PHE A 312 12.23 19.13 -25.06
N LYS A 313 11.80 19.81 -26.13
CA LYS A 313 12.61 20.82 -26.83
C LYS A 313 13.98 20.20 -27.18
N SER A 314 15.08 20.73 -26.65
CA SER A 314 16.42 20.25 -26.99
C SER A 314 16.82 18.95 -26.25
N HIS A 315 16.14 18.67 -25.14
CA HIS A 315 16.59 17.71 -24.12
C HIS A 315 15.88 16.38 -24.24
N ASN A 316 16.59 15.28 -23.95
CA ASN A 316 15.91 14.01 -23.70
C ASN A 316 15.95 13.89 -22.18
N ILE A 317 14.80 14.11 -21.55
CA ILE A 317 14.70 14.02 -20.09
C ILE A 317 14.45 12.56 -19.73
N LYS A 318 15.40 11.94 -19.04
CA LYS A 318 15.32 10.49 -18.86
C LYS A 318 14.20 9.99 -17.91
N ALA A 319 13.63 8.85 -18.25
CA ALA A 319 12.69 8.11 -17.41
C ALA A 319 13.19 8.07 -15.98
N GLY A 320 12.30 8.34 -15.03
CA GLY A 320 12.65 8.40 -13.59
C GLY A 320 13.09 9.75 -13.05
N SER A 321 13.18 10.75 -13.92
CA SER A 321 13.45 12.12 -13.55
C SER A 321 12.25 12.80 -12.92
N LEU A 322 12.56 13.82 -12.11
CA LEU A 322 11.54 14.68 -11.54
C LEU A 322 11.69 16.06 -12.16
N VAL A 323 10.60 16.60 -12.70
CA VAL A 323 10.61 17.97 -13.20
C VAL A 323 9.63 18.85 -12.39
N ALA A 324 9.84 20.17 -12.46
CA ALA A 324 8.98 21.11 -11.85
C ALA A 324 8.62 22.13 -12.88
N LEU A 325 7.43 22.65 -12.72
CA LEU A 325 6.94 23.74 -13.60
C LEU A 325 5.85 24.53 -12.90
N HIS A 326 5.70 25.74 -13.34
CA HIS A 326 4.54 26.53 -12.88
C HIS A 326 3.24 25.91 -13.34
N PHE A 327 2.20 25.95 -12.50
CA PHE A 327 0.95 25.18 -12.86
C PHE A 327 0.32 25.65 -14.17
N THR A 328 0.49 26.91 -14.51
CA THR A 328 -0.09 27.48 -15.76
C THR A 328 0.55 26.82 -16.99
N ASP A 329 1.80 26.41 -16.89
CA ASP A 329 2.47 25.75 -18.00
C ASP A 329 1.92 24.34 -18.24
N LEU A 330 1.17 23.79 -17.31
CA LEU A 330 0.51 22.50 -17.56
C LEU A 330 -0.43 22.52 -18.73
N LEU A 331 -1.01 23.67 -18.99
CA LEU A 331 -2.04 23.84 -20.06
C LEU A 331 -1.46 24.23 -21.39
N LYS A 332 -0.16 24.39 -21.49
CA LYS A 332 0.48 24.99 -22.64
C LYS A 332 1.16 23.95 -23.49
N THR A 333 1.33 24.28 -24.78
CA THR A 333 2.14 23.42 -25.64
C THR A 333 3.57 23.44 -25.18
N GLU A 334 4.33 22.43 -25.59
CA GLU A 334 5.77 22.40 -25.35
C GLU A 334 6.45 23.72 -25.77
N SER A 335 6.06 24.28 -26.92
CA SER A 335 6.59 25.61 -27.38
C SER A 335 6.37 26.75 -26.39
N ASP A 336 5.20 26.76 -25.74
CA ASP A 336 4.87 27.80 -24.79
C ASP A 336 5.30 27.47 -23.31
N LYS A 337 5.91 26.31 -22.99
CA LYS A 337 6.33 25.87 -21.56
C LYS A 337 7.66 26.36 -20.86
N THR A 338 7.67 27.64 -20.64
CA THR A 338 8.89 28.32 -20.33
C THR A 338 9.46 28.01 -18.94
N SER A 339 8.67 27.49 -18.01
CA SER A 339 9.13 27.32 -16.62
C SER A 339 9.70 25.95 -16.28
N LEU A 340 9.76 25.02 -17.21
CA LEU A 340 10.06 23.65 -16.81
CA LEU A 340 10.09 23.63 -16.86
C LEU A 340 11.52 23.53 -16.41
N LYS A 341 11.78 22.89 -15.25
CA LYS A 341 13.11 22.68 -14.73
C LYS A 341 13.24 21.23 -14.33
N ILE A 342 14.44 20.67 -14.43
CA ILE A 342 14.69 19.31 -14.00
C ILE A 342 15.31 19.31 -12.60
N LEU A 343 14.65 18.68 -11.67
CA LEU A 343 15.11 18.67 -10.27
C LEU A 343 15.82 17.41 -9.83
N PHE A 344 15.68 16.35 -10.58
CA PHE A 344 16.29 15.07 -10.21
C PHE A 344 16.51 14.31 -11.50
N THR A 345 17.73 13.80 -11.66
CA THR A 345 18.12 13.03 -12.84
C THR A 345 18.83 11.83 -12.23
N PRO A 346 18.18 10.68 -12.19
CA PRO A 346 18.80 9.59 -11.44
C PRO A 346 20.04 9.06 -12.08
N THR A 347 21.08 8.86 -11.28
CA THR A 347 22.21 8.01 -11.69
C THR A 347 21.80 6.53 -11.61
N ALA A 348 22.71 5.66 -12.02
CA ALA A 348 22.38 4.28 -12.22
C ALA A 348 21.62 3.54 -11.11
N ASN A 349 22.01 3.76 -9.86
CA ASN A 349 21.41 3.06 -8.73
C ASN A 349 20.34 3.91 -8.00
N GLU A 350 19.99 5.05 -8.55
CA GLU A 350 19.05 5.98 -7.87
C GLU A 350 17.62 5.83 -8.37
N VAL A 351 16.70 6.12 -7.46
CA VAL A 351 15.29 6.20 -7.80
C VAL A 351 14.59 7.27 -6.95
N PHE A 352 13.62 7.95 -7.55
CA PHE A 352 12.73 8.81 -6.82
C PHE A 352 11.81 8.09 -5.81
N ASN A 353 11.64 8.65 -4.61
CA ASN A 353 10.70 8.14 -3.68
C ASN A 353 9.46 9.05 -3.53
N PHE A 354 9.65 10.22 -2.93
CA PHE A 354 8.56 11.15 -2.75
C PHE A 354 9.02 12.58 -2.62
N ILE A 355 8.06 13.49 -2.83
CA ILE A 355 8.16 14.92 -2.43
C ILE A 355 7.23 15.16 -1.23
N SER A 356 7.66 15.98 -0.27
CA SER A 356 6.77 16.40 0.81
C SER A 356 7.10 17.86 1.06
N THR A 357 6.11 18.63 1.45
CA THR A 357 6.28 20.07 1.48
C THR A 357 5.96 20.61 2.86
N THR A 358 6.74 21.63 3.28
CA THR A 358 6.43 22.46 4.46
C THR A 358 6.18 23.88 3.96
N LYS A 359 5.86 24.76 4.90
CA LYS A 359 5.60 26.17 4.56
CA LYS A 359 5.58 26.16 4.51
C LYS A 359 6.70 26.77 3.68
N ASP A 360 7.96 26.45 4.01
CA ASP A 360 9.07 27.11 3.35
C ASP A 360 10.15 26.14 2.81
N ARG A 361 9.87 24.83 2.80
CA ARG A 361 10.83 23.88 2.24
C ARG A 361 10.13 22.77 1.46
N VAL A 362 10.83 22.26 0.44
CA VAL A 362 10.43 21.04 -0.25
C VAL A 362 11.48 19.98 0.12
N PHE A 363 11.00 18.80 0.51
CA PHE A 363 11.83 17.65 0.81
C PHE A 363 11.74 16.67 -0.36
N LEU A 364 12.89 16.29 -0.89
CA LEU A 364 12.99 15.36 -1.95
C LEU A 364 13.66 14.12 -1.38
N ALA A 365 12.87 13.07 -1.30
CA ALA A 365 13.31 11.80 -0.78
C ALA A 365 13.55 10.85 -1.94
N THR A 366 14.71 10.22 -1.96
CA THR A 366 15.11 9.24 -2.99
C THR A 366 15.72 7.99 -2.33
N TYR A 367 16.05 6.99 -3.14
CA TYR A 367 16.95 5.90 -2.74
C TYR A 367 18.14 5.87 -3.68
N ASP A 368 19.28 5.55 -3.11
CA ASP A 368 20.48 5.21 -3.84
C ASP A 368 20.86 3.79 -3.40
N ASN A 369 20.73 2.82 -4.31
CA ASN A 369 20.92 1.43 -3.95
C ASN A 369 20.06 1.02 -2.76
N VAL A 370 18.80 1.45 -2.80
CA VAL A 370 17.76 1.09 -1.79
C VAL A 370 18.15 1.56 -0.40
N VAL A 371 18.92 2.64 -0.34
CA VAL A 371 19.20 3.35 0.90
C VAL A 371 18.62 4.80 0.78
N ALA A 372 17.83 5.20 1.74
CA ALA A 372 17.18 6.51 1.67
C ALA A 372 18.18 7.69 1.72
N LYS A 373 17.88 8.67 0.88
CA LYS A 373 18.64 9.92 0.79
C LYS A 373 17.63 11.05 0.69
N VAL A 374 17.92 12.15 1.36
CA VAL A 374 17.02 13.29 1.40
C VAL A 374 17.77 14.62 1.25
N VAL A 375 17.17 15.54 0.50
CA VAL A 375 17.62 16.91 0.40
C VAL A 375 16.39 17.82 0.56
N THR A 376 16.67 19.06 0.97
CA THR A 376 15.67 20.11 1.04
C THR A 376 16.10 21.28 0.18
N PHE A 377 15.09 22.02 -0.32
CA PHE A 377 15.32 23.25 -1.09
C PHE A 377 14.07 24.10 -1.03
N THR A 378 14.17 25.31 -1.58
CA THR A 378 13.08 26.22 -1.64
C THR A 378 13.11 27.03 -2.93
N LEU A 379 12.26 28.05 -2.99
CA LEU A 379 12.28 29.07 -4.04
C LEU A 379 12.78 30.38 -3.52
N GLU A 380 13.67 30.98 -4.30
CA GLU A 380 14.21 32.31 -4.03
C GLU A 380 14.18 33.04 -5.34
N ASN A 381 13.42 34.13 -5.41
CA ASN A 381 13.39 34.92 -6.64
C ASN A 381 12.90 34.08 -7.81
N GLU A 382 11.85 33.31 -7.59
CA GLU A 382 11.32 32.40 -8.58
C GLU A 382 12.36 31.41 -9.16
N GLN A 383 13.48 31.17 -8.46
CA GLN A 383 14.38 30.07 -8.87
C GLN A 383 14.51 29.04 -7.75
N TRP A 384 14.67 27.78 -8.13
CA TRP A 384 14.94 26.71 -7.16
C TRP A 384 16.32 26.83 -6.54
N THR A 385 16.37 26.82 -5.23
CA THR A 385 17.68 26.99 -4.56
C THR A 385 18.49 25.70 -4.61
N LYS A 386 19.80 25.84 -4.36
CA LYS A 386 20.68 24.67 -4.33
C LYS A 386 20.25 23.82 -3.16
N PRO A 387 19.99 22.55 -3.37
CA PRO A 387 19.54 21.68 -2.27
C PRO A 387 20.58 21.49 -1.16
N VAL A 388 20.07 21.30 0.05
CA VAL A 388 20.91 21.03 1.25
C VAL A 388 20.67 19.55 1.62
N VAL A 389 21.75 18.78 1.77
CA VAL A 389 21.62 17.40 2.18
C VAL A 389 21.09 17.32 3.62
N LEU A 390 20.10 16.45 3.85
CA LEU A 390 19.65 16.14 5.20
C LEU A 390 20.27 14.80 5.61
N LYS A 391 21.27 14.84 6.47
CA LYS A 391 22.06 13.64 6.81
C LYS A 391 21.18 12.73 7.66
N LEU A 392 21.07 11.48 7.27
CA LEU A 392 20.26 10.51 8.02
C LEU A 392 21.15 9.65 8.94
N PRO A 393 21.00 9.77 10.26
CA PRO A 393 21.98 9.08 11.12
C PRO A 393 21.65 7.64 11.44
N TYR A 394 21.23 6.90 10.41
CA TYR A 394 21.14 5.44 10.48
C TYR A 394 21.94 4.81 9.27
N GLN A 395 22.58 3.67 9.47
CA GLN A 395 23.02 2.86 8.32
C GLN A 395 21.82 2.24 7.62
N ASN A 396 21.88 2.05 6.31
CA ASN A 396 20.73 1.47 5.59
C ASN A 396 19.40 2.18 5.93
N ALA A 397 19.48 3.49 6.00
CA ALA A 397 18.36 4.32 6.42
C ALA A 397 17.13 4.19 5.52
N ILE A 398 15.96 4.19 6.16
CA ILE A 398 14.68 4.28 5.53
C ILE A 398 13.97 5.46 6.17
N PHE A 399 13.47 6.36 5.32
CA PHE A 399 12.94 7.69 5.64
C PHE A 399 11.46 7.80 5.34
N GLY A 400 10.74 8.45 6.26
CA GLY A 400 9.37 8.80 6.04
C GLY A 400 9.05 10.10 6.71
N MET A 401 7.95 10.71 6.28
CA MET A 401 7.54 11.95 6.95
C MET A 401 6.08 12.30 6.66
N SER A 402 5.55 13.17 7.53
CA SER A 402 4.23 13.78 7.34
C SER A 402 4.43 15.29 7.40
N SER A 403 3.80 16.02 6.48
CA SER A 403 3.94 17.49 6.47
C SER A 403 2.89 18.08 5.57
N TYR A 404 2.72 19.37 5.75
CA TYR A 404 1.80 20.20 4.91
C TYR A 404 2.42 21.53 4.64
N GLU A 405 2.17 22.07 3.47
CA GLU A 405 2.70 23.40 3.17
C GLU A 405 2.11 24.43 4.14
N GLU A 406 0.98 24.16 4.74
CA GLU A 406 0.39 25.11 5.70
C GLU A 406 1.26 25.22 6.97
N GLU A 407 2.01 24.19 7.28
CA GLU A 407 2.74 24.06 8.55
C GLU A 407 4.25 24.25 8.34
N GLU A 408 4.89 25.04 9.21
CA GLU A 408 6.36 25.12 9.26
C GLU A 408 7.03 23.85 9.80
N GLU A 409 6.40 23.18 10.75
CA GLU A 409 6.93 21.98 11.39
C GLU A 409 6.36 20.70 10.78
N ALA A 410 7.10 19.62 10.95
CA ALA A 410 6.78 18.34 10.32
C ALA A 410 7.35 17.22 11.22
N LEU A 411 6.83 16.02 11.06
CA LEU A 411 7.34 14.83 11.76
C LEU A 411 8.01 13.90 10.79
N ILE A 412 9.24 13.53 11.13
CA ILE A 412 10.10 12.70 10.27
C ILE A 412 10.31 11.38 10.99
N THR A 413 10.30 10.27 10.26
CA THR A 413 10.80 9.02 10.83
C THR A 413 12.09 8.59 10.13
N ILE A 414 13.03 8.01 10.87
CA ILE A 414 14.19 7.35 10.28
C ILE A 414 14.33 6.02 11.03
N GLU A 415 14.65 4.98 10.29
CA GLU A 415 14.75 3.61 10.81
C GLU A 415 15.64 2.79 9.89
N ASN A 416 15.92 1.55 10.33
CA ASN A 416 16.43 0.55 9.41
C ASN A 416 15.88 -0.79 9.84
N SER A 417 16.20 -1.84 9.12
CA SER A 417 15.51 -3.10 9.37
C SER A 417 15.69 -3.62 10.80
N ILE A 418 16.78 -3.22 11.47
CA ILE A 418 17.07 -3.76 12.82
C ILE A 418 17.14 -2.67 13.91
N VAL A 419 16.93 -1.43 13.55
CA VAL A 419 16.93 -0.32 14.50
C VAL A 419 15.54 0.33 14.51
N PRO A 420 14.84 0.36 15.67
CA PRO A 420 13.49 0.86 15.66
C PRO A 420 13.44 2.33 15.20
N PRO A 421 12.30 2.72 14.63
CA PRO A 421 12.16 4.09 14.13
C PRO A 421 12.27 5.09 15.25
N THR A 422 12.96 6.19 14.94
CA THR A 422 12.96 7.38 15.77
C THR A 422 12.10 8.42 15.08
N ILE A 423 11.32 9.17 15.87
CA ILE A 423 10.49 10.29 15.31
C ILE A 423 11.20 11.58 15.65
N TYR A 424 11.39 12.42 14.64
CA TYR A 424 12.02 13.69 14.77
C TYR A 424 11.08 14.82 14.40
N LEU A 425 11.18 15.95 15.11
CA LEU A 425 10.46 17.14 14.79
C LEU A 425 11.35 17.99 13.91
N TRP A 426 10.83 18.37 12.76
CA TRP A 426 11.49 19.38 11.95
C TRP A 426 11.03 20.74 12.45
N VAL A 427 11.97 21.50 12.95
CA VAL A 427 11.68 22.78 13.60
C VAL A 427 11.88 23.92 12.62
N LYS A 428 11.41 25.07 13.04
CA LYS A 428 11.31 26.21 12.12
C LYS A 428 12.66 26.77 11.72
N THR A 429 13.69 26.49 12.50
CA THR A 429 15.08 26.81 12.17
C THR A 429 15.74 25.74 11.26
N HIS A 430 14.92 24.86 10.70
CA HIS A 430 15.36 23.96 9.66
C HIS A 430 16.36 22.90 10.04
N GLU A 431 15.98 22.13 11.05
CA GLU A 431 16.82 21.04 11.56
C GLU A 431 15.91 20.02 12.24
N LEU A 432 16.41 18.80 12.35
CA LEU A 432 15.74 17.73 13.01
C LEU A 432 16.11 17.70 14.47
N LYS A 433 15.10 17.58 15.31
CA LYS A 433 15.27 17.39 16.76
C LYS A 433 14.55 16.11 17.13
N ILE A 434 15.19 15.23 17.90
CA ILE A 434 14.49 14.03 18.31
C ILE A 434 13.25 14.41 19.12
N ILE A 435 12.08 13.83 18.80
CA ILE A 435 10.87 14.02 19.63
C ILE A 435 10.38 12.74 20.34
N ARG A 436 10.52 11.58 19.70
CA ARG A 436 10.18 10.32 20.34
C ARG A 436 11.12 9.19 19.90
N LYS A 437 11.55 8.41 20.88
CA LYS A 437 12.12 7.11 20.61
C LYS A 437 11.13 5.99 20.93
N ALA A 438 11.40 4.80 20.43
CA ALA A 438 10.59 3.65 20.78
C ALA A 438 10.59 3.44 22.29
N LEU A 439 9.44 3.13 22.86
CA LEU A 439 9.35 2.83 24.27
C LEU A 439 9.53 1.34 24.54
N TYR A 440 9.40 0.55 23.49
CA TYR A 440 9.66 -0.87 23.58
C TYR A 440 11.14 -1.14 23.39
N SER A 441 11.56 -2.33 23.82
CA SER A 441 12.97 -2.71 23.85
C SER A 441 13.31 -3.63 22.67
N PHE A 442 14.37 -3.31 21.94
CA PHE A 442 14.90 -4.16 20.86
C PHE A 442 16.40 -3.90 20.76
N ASP A 443 17.19 -4.92 21.09
CA ASP A 443 18.64 -4.79 21.21
C ASP A 443 19.27 -5.03 19.84
N SER A 444 19.37 -3.95 19.07
CA SER A 444 19.86 -4.00 17.69
C SER A 444 21.27 -4.62 17.53
N GLU A 445 22.13 -4.44 18.54
CA GLU A 445 23.49 -4.99 18.52
C GLU A 445 23.54 -6.51 18.55
N ASN A 446 22.44 -7.18 18.90
CA ASN A 446 22.42 -8.64 18.88
C ASN A 446 22.12 -9.15 17.48
N TYR A 447 21.87 -8.23 16.53
CA TYR A 447 21.51 -8.60 15.13
C TYR A 447 22.45 -8.03 14.04
N VAL A 448 22.38 -8.63 12.87
CA VAL A 448 23.13 -8.19 11.72
C VAL A 448 22.15 -7.93 10.60
N LEU A 449 22.37 -6.82 9.90
CA LEU A 449 21.67 -6.43 8.69
C LEU A 449 22.72 -6.36 7.60
N GLU A 450 22.60 -7.23 6.58
CA GLU A 450 23.49 -7.19 5.44
C GLU A 450 22.74 -6.89 4.16
N GLN A 451 23.28 -5.99 3.35
CA GLN A 451 22.76 -5.77 1.99
C GLN A 451 23.65 -6.50 1.02
N LYS A 452 23.07 -7.46 0.33
CA LYS A 452 23.77 -8.33 -0.53
C LYS A 452 23.17 -8.30 -1.94
N GLU A 453 23.82 -8.97 -2.88
CA GLU A 453 23.31 -9.16 -4.26
C GLU A 453 23.43 -10.56 -4.77
N ALA A 454 22.41 -11.00 -5.48
CA ALA A 454 22.45 -12.27 -6.18
C ALA A 454 22.68 -11.97 -7.67
N THR A 455 23.14 -12.97 -8.42
CA THR A 455 23.23 -12.90 -9.87
C THR A 455 22.12 -13.68 -10.53
N SER A 456 21.32 -12.98 -11.30
CA SER A 456 20.19 -13.61 -11.93
C SER A 456 20.59 -14.29 -13.22
N PHE A 457 19.63 -14.98 -13.81
CA PHE A 457 19.83 -15.79 -15.01
C PHE A 457 20.46 -15.06 -16.19
N ASP A 458 20.27 -13.74 -16.28
CA ASP A 458 20.80 -12.88 -17.36
C ASP A 458 21.99 -12.03 -16.93
N GLY A 459 22.62 -12.36 -15.80
CA GLY A 459 23.77 -11.58 -15.27
C GLY A 459 23.46 -10.34 -14.43
N VAL A 460 22.21 -9.86 -14.47
CA VAL A 460 21.75 -8.72 -13.62
C VAL A 460 21.80 -9.03 -12.11
N LYS A 461 22.40 -8.10 -11.36
CA LYS A 461 22.43 -8.14 -9.91
C LYS A 461 21.13 -7.72 -9.24
N ILE A 462 20.68 -8.55 -8.30
CA ILE A 462 19.43 -8.38 -7.62
C ILE A 462 19.75 -8.16 -6.16
N PRO A 463 19.38 -7.00 -5.63
CA PRO A 463 19.62 -6.74 -4.23
C PRO A 463 18.77 -7.62 -3.35
N TYR A 464 19.31 -7.97 -2.20
CA TYR A 464 18.52 -8.50 -1.13
C TYR A 464 19.09 -8.11 0.23
N PHE A 465 18.20 -8.07 1.21
CA PHE A 465 18.46 -7.73 2.58
C PHE A 465 18.32 -8.94 3.48
N LEU A 466 19.41 -9.21 4.21
CA LEU A 466 19.52 -10.37 5.03
C LEU A 466 19.64 -9.91 6.51
N VAL A 467 18.77 -10.42 7.38
CA VAL A 467 18.78 -10.07 8.82
C VAL A 467 18.84 -11.37 9.63
N TYR A 468 19.74 -11.43 10.60
CA TYR A 468 19.89 -12.63 11.41
C TYR A 468 20.39 -12.26 12.80
N LYS A 469 20.27 -13.22 13.69
CA LYS A 469 20.74 -13.02 15.07
C LYS A 469 22.24 -13.37 15.18
N LYS A 470 23.03 -12.53 15.83
CA LYS A 470 24.45 -12.84 15.97
C LYS A 470 24.63 -14.16 16.69
N GLY A 471 25.56 -14.97 16.18
CA GLY A 471 25.85 -16.25 16.79
C GLY A 471 25.30 -17.43 16.05
N ILE A 472 24.43 -17.25 15.07
CA ILE A 472 23.96 -18.42 14.32
C ILE A 472 25.10 -19.05 13.50
N LYS A 473 24.99 -20.33 13.21
CA LYS A 473 25.95 -20.96 12.33
C LYS A 473 25.44 -21.03 10.91
N PHE A 474 26.35 -20.89 9.93
CA PHE A 474 25.99 -21.00 8.55
C PHE A 474 26.22 -22.42 8.10
N ASP A 475 25.34 -23.30 8.60
CA ASP A 475 25.43 -24.74 8.43
C ASP A 475 24.21 -25.25 7.65
N GLY A 476 23.43 -24.32 7.06
CA GLY A 476 22.30 -24.66 6.22
C GLY A 476 21.02 -25.05 6.96
N LYS A 477 21.02 -24.89 8.27
CA LYS A 477 19.90 -25.35 9.07
C LYS A 477 19.11 -24.21 9.72
N ASN A 478 19.28 -22.95 9.25
CA ASN A 478 18.53 -21.88 9.83
C ASN A 478 17.14 -21.71 9.18
N PRO A 479 16.09 -21.78 10.00
CA PRO A 479 14.77 -21.46 9.49
C PRO A 479 14.79 -20.05 8.91
N THR A 480 14.34 -19.90 7.65
CA THR A 480 14.55 -18.68 6.89
C THR A 480 13.24 -18.34 6.22
N LEU A 481 12.86 -17.07 6.32
CA LEU A 481 11.67 -16.56 5.67
C LEU A 481 12.08 -15.50 4.64
N LEU A 482 11.81 -15.81 3.38
CA LEU A 482 12.17 -14.97 2.26
C LEU A 482 10.88 -14.37 1.69
N GLU A 483 10.87 -13.05 1.54
CA GLU A 483 9.73 -12.30 1.01
C GLU A 483 10.13 -11.46 -0.18
N ALA A 484 9.15 -11.23 -1.09
CA ALA A 484 9.30 -10.30 -2.18
C ALA A 484 7.91 -9.98 -2.69
N TYR A 485 7.84 -9.00 -3.54
CA TYR A 485 6.59 -8.51 -4.13
C TYR A 485 6.79 -8.57 -5.65
N GLY A 486 7.56 -7.63 -6.22
CA GLY A 486 7.92 -7.71 -7.63
C GLY A 486 6.84 -7.39 -8.64
N GLY A 487 6.26 -6.22 -8.52
CA GLY A 487 5.25 -5.76 -9.48
C GLY A 487 4.98 -4.29 -9.32
N PHE A 488 4.38 -3.71 -10.36
CA PHE A 488 3.73 -2.40 -10.27
C PHE A 488 4.69 -1.28 -9.96
N GLN A 489 5.98 -1.50 -10.20
CA GLN A 489 7.01 -0.47 -9.89
C GLN A 489 7.02 -0.14 -8.41
N VAL A 490 6.56 -1.06 -7.59
CA VAL A 490 6.59 -0.87 -6.14
C VAL A 490 8.01 -1.03 -5.58
N ILE A 491 8.46 -0.04 -4.81
CA ILE A 491 9.78 -0.14 -4.15
C ILE A 491 9.60 -0.88 -2.84
N ASN A 492 10.20 -2.08 -2.72
CA ASN A 492 10.03 -2.93 -1.54
C ASN A 492 11.14 -2.70 -0.53
N ALA A 493 11.02 -1.57 0.19
CA ALA A 493 12.09 -1.11 1.06
C ALA A 493 12.17 -1.89 2.38
N PRO A 494 13.39 -2.11 2.87
CA PRO A 494 13.63 -2.86 4.14
C PRO A 494 13.31 -2.08 5.46
N TYR A 495 12.02 -1.89 5.74
CA TYR A 495 11.62 -1.22 6.98
CA TYR A 495 11.49 -1.26 6.96
C TYR A 495 11.72 -2.10 8.22
N PHE A 496 11.68 -1.47 9.38
CA PHE A 496 11.75 -2.17 10.65
C PHE A 496 10.43 -2.85 10.89
N SER A 497 10.45 -4.17 11.01
CA SER A 497 9.27 -4.95 11.40
C SER A 497 9.44 -5.52 12.79
N ARG A 498 8.66 -4.98 13.72
CA ARG A 498 8.70 -5.46 15.07
C ARG A 498 8.27 -6.93 15.13
N ILE A 499 7.23 -7.30 14.41
CA ILE A 499 6.76 -8.66 14.49
C ILE A 499 7.83 -9.65 13.97
N LYS A 500 8.36 -9.39 12.78
CA LYS A 500 9.35 -10.31 12.22
C LYS A 500 10.60 -10.35 13.08
N ASN A 501 11.08 -9.17 13.52
CA ASN A 501 12.28 -9.15 14.32
C ASN A 501 12.13 -9.86 15.65
N GLU A 502 11.00 -9.64 16.31
CA GLU A 502 10.81 -10.21 17.65
C GLU A 502 10.29 -11.64 17.65
N VAL A 503 9.38 -11.96 16.74
CA VAL A 503 8.81 -13.30 16.72
C VAL A 503 9.69 -14.27 15.94
N TRP A 504 10.29 -13.83 14.85
CA TRP A 504 11.11 -14.68 14.00
C TRP A 504 12.62 -14.58 14.34
N VAL A 505 13.22 -13.40 14.21
CA VAL A 505 14.69 -13.26 14.20
C VAL A 505 15.27 -13.43 15.60
N LYS A 506 14.53 -12.96 16.60
CA LYS A 506 14.92 -13.16 18.01
C LYS A 506 14.91 -14.61 18.44
N ASN A 507 14.14 -15.44 17.73
CA ASN A 507 14.11 -16.86 17.94
C ASN A 507 15.05 -17.62 16.98
N ALA A 508 15.98 -16.85 16.40
CA ALA A 508 17.11 -17.31 15.59
C ALA A 508 16.71 -17.72 14.16
N GLY A 509 15.51 -17.29 13.75
CA GLY A 509 15.13 -17.34 12.33
C GLY A 509 15.86 -16.28 11.55
N VAL A 510 15.97 -16.49 10.24
CA VAL A 510 16.64 -15.54 9.37
C VAL A 510 15.54 -14.92 8.56
N SER A 511 15.67 -13.61 8.30
CA SER A 511 14.73 -12.87 7.46
CA SER A 511 14.73 -12.88 7.45
C SER A 511 15.40 -12.39 6.17
N VAL A 512 14.71 -12.52 5.03
CA VAL A 512 15.27 -12.06 3.79
C VAL A 512 14.24 -11.36 2.96
N LEU A 513 14.65 -10.23 2.39
CA LEU A 513 13.81 -9.46 1.47
C LEU A 513 14.56 -9.29 0.17
N ALA A 514 13.94 -9.72 -0.92
CA ALA A 514 14.53 -9.68 -2.26
C ALA A 514 13.90 -8.60 -3.17
N ASN A 515 14.74 -7.71 -3.68
CA ASN A 515 14.29 -6.60 -4.50
C ASN A 515 14.27 -6.98 -5.97
N ILE A 516 13.41 -7.91 -6.25
CA ILE A 516 13.33 -8.47 -7.58
C ILE A 516 12.73 -7.54 -8.64
N ARG A 517 13.07 -7.81 -9.89
CA ARG A 517 12.49 -6.99 -10.98
C ARG A 517 10.98 -7.10 -11.03
N GLY A 518 10.30 -6.12 -11.67
CA GLY A 518 8.84 -5.94 -11.52
C GLY A 518 8.61 -4.82 -10.50
N GLY A 519 9.53 -4.73 -9.54
CA GLY A 519 9.49 -3.63 -8.56
C GLY A 519 10.06 -2.36 -9.15
N GLY A 520 10.17 -1.32 -8.30
CA GLY A 520 10.65 0.01 -8.70
C GLY A 520 11.97 0.45 -8.09
N GLU A 521 12.76 -0.46 -7.52
CA GLU A 521 13.95 -0.09 -6.78
C GLU A 521 15.01 0.60 -7.67
N PHE A 522 15.01 0.29 -8.97
CA PHE A 522 15.87 0.97 -9.94
C PHE A 522 15.06 1.65 -11.05
N GLY A 523 13.97 2.22 -10.63
CA GLY A 523 13.13 3.05 -11.48
C GLY A 523 12.28 2.26 -12.45
N PRO A 524 11.73 2.96 -13.43
CA PRO A 524 10.76 2.32 -14.31
C PRO A 524 11.29 1.14 -15.13
N GLU A 525 12.57 1.15 -15.45
CA GLU A 525 13.15 0.04 -16.21
C GLU A 525 13.16 -1.25 -15.37
N TRP A 526 13.36 -1.11 -14.06
CA TRP A 526 13.36 -2.27 -13.15
C TRP A 526 12.01 -2.96 -13.17
N HIS A 527 10.95 -2.16 -13.35
CA HIS A 527 9.58 -2.65 -13.46
C HIS A 527 9.33 -3.29 -14.84
N LYS A 528 9.60 -2.49 -15.86
CA LYS A 528 9.32 -2.88 -17.26
C LYS A 528 10.02 -4.17 -17.63
N SER A 529 11.19 -4.44 -17.02
CA SER A 529 11.94 -5.65 -17.24
C SER A 529 11.22 -6.97 -16.94
N ALA A 530 10.21 -6.92 -16.06
CA ALA A 530 9.40 -8.07 -15.67
C ALA A 530 7.92 -7.82 -15.82
N GLN A 531 7.58 -6.85 -16.66
CA GLN A 531 6.19 -6.50 -16.90
C GLN A 531 5.55 -7.36 -18.01
N GLY A 532 4.26 -7.64 -17.87
CA GLY A 532 3.55 -8.34 -18.92
C GLY A 532 4.09 -9.74 -19.16
N ILE A 533 4.41 -10.03 -20.40
CA ILE A 533 4.89 -11.34 -20.80
C ILE A 533 6.34 -11.57 -20.35
N LYS A 534 6.98 -10.54 -19.77
CA LYS A 534 8.33 -10.70 -19.21
C LYS A 534 8.27 -11.09 -17.73
N ARG A 535 7.11 -11.47 -17.25
CA ARG A 535 6.99 -11.74 -15.81
C ARG A 535 7.97 -12.81 -15.30
N GLN A 536 8.28 -13.79 -16.14
CA GLN A 536 9.25 -14.80 -15.72
C GLN A 536 10.58 -14.27 -15.22
N THR A 537 10.95 -13.05 -15.63
CA THR A 537 12.16 -12.42 -15.16
C THR A 537 12.07 -12.17 -13.62
N ALA A 538 10.93 -11.71 -13.13
CA ALA A 538 10.74 -11.52 -11.69
C ALA A 538 10.95 -12.83 -10.95
N PHE A 539 10.35 -13.89 -11.48
CA PHE A 539 10.37 -15.15 -10.83
C PHE A 539 11.82 -15.73 -10.80
N ASN A 540 12.54 -15.57 -11.91
CA ASN A 540 13.93 -15.98 -11.99
C ASN A 540 14.77 -15.24 -10.97
N ASP A 541 14.51 -13.94 -10.77
CA ASP A 541 15.25 -13.15 -9.76
C ASP A 541 15.04 -13.76 -8.39
N PHE A 542 13.83 -14.16 -8.12
CA PHE A 542 13.49 -14.73 -6.84
C PHE A 542 14.25 -16.07 -6.65
N PHE A 543 14.29 -16.90 -7.67
CA PHE A 543 15.06 -18.16 -7.60
C PHE A 543 16.57 -17.90 -7.37
N ALA A 544 17.11 -16.89 -8.06
CA ALA A 544 18.52 -16.51 -7.90
C ALA A 544 18.85 -16.19 -6.44
N VAL A 545 18.01 -15.42 -5.78
CA VAL A 545 18.17 -15.18 -4.35
C VAL A 545 18.01 -16.47 -3.51
N SER A 546 16.98 -17.27 -3.79
CA SER A 546 16.71 -18.50 -3.04
C SER A 546 17.96 -19.42 -3.11
N GLU A 547 18.49 -19.60 -4.32
CA GLU A 547 19.64 -20.49 -4.55
C GLU A 547 20.88 -19.97 -3.88
N GLU A 548 21.02 -18.65 -3.85
CA GLU A 548 22.18 -18.06 -3.22
C GLU A 548 22.14 -18.26 -1.70
N LEU A 549 20.96 -18.20 -1.11
CA LEU A 549 20.84 -18.46 0.35
C LEU A 549 21.27 -19.89 0.71
N ILE A 550 20.92 -20.78 -0.19
CA ILE A 550 21.27 -22.19 -0.01
C ILE A 550 22.76 -22.37 -0.29
N LYS A 551 23.31 -21.75 -1.33
CA LYS A 551 24.75 -21.95 -1.66
C LYS A 551 25.66 -21.47 -0.52
N GLN A 552 25.26 -20.36 0.10
CA GLN A 552 26.02 -19.81 1.20
C GLN A 552 25.77 -20.44 2.54
N ASN A 553 25.02 -21.55 2.57
CA ASN A 553 24.68 -22.25 3.78
C ASN A 553 24.04 -21.44 4.88
N ILE A 554 23.25 -20.47 4.46
CA ILE A 554 22.35 -19.80 5.35
C ILE A 554 21.22 -20.77 5.66
N THR A 555 20.69 -21.42 4.63
CA THR A 555 19.55 -22.30 4.81
C THR A 555 19.63 -23.42 3.78
N SER A 556 18.60 -24.26 3.77
CA SER A 556 18.44 -25.34 2.83
C SER A 556 16.92 -25.48 2.55
N PRO A 557 16.55 -26.18 1.48
CA PRO A 557 15.13 -26.22 1.11
C PRO A 557 14.18 -26.58 2.25
N GLU A 558 14.61 -27.50 3.08
CA GLU A 558 13.79 -27.95 4.20
C GLU A 558 13.50 -26.88 5.24
N TYR A 559 14.36 -25.85 5.29
CA TYR A 559 14.28 -24.82 6.27
C TYR A 559 13.85 -23.48 5.64
N LEU A 560 13.61 -23.48 4.32
CA LEU A 560 13.34 -22.23 3.58
C LEU A 560 11.86 -22.03 3.32
N GLY A 561 11.31 -20.96 3.90
CA GLY A 561 9.93 -20.59 3.61
C GLY A 561 9.85 -19.27 2.86
N ILE A 562 8.80 -19.18 2.05
CA ILE A 562 8.61 -18.04 1.21
C ILE A 562 7.22 -17.49 1.45
N LYS A 563 7.12 -16.17 1.42
CA LYS A 563 5.86 -15.45 1.77
C LYS A 563 5.61 -14.26 0.83
N GLY A 564 4.38 -14.16 0.33
CA GLY A 564 3.98 -13.06 -0.58
C GLY A 564 2.47 -12.89 -0.62
N GLY A 565 2.03 -11.66 -0.80
CA GLY A 565 0.62 -11.28 -0.76
C GLY A 565 0.25 -10.55 -2.04
N SER A 566 -0.99 -10.69 -2.48
CA SER A 566 -1.52 -9.93 -3.60
C SER A 566 -0.75 -10.37 -4.85
N ASN A 567 -0.10 -9.43 -5.55
CA ASN A 567 0.87 -9.79 -6.55
C ASN A 567 1.96 -10.75 -6.09
N GLY A 568 2.36 -10.59 -4.84
CA GLY A 568 3.34 -11.48 -4.21
C GLY A 568 2.77 -12.86 -3.99
N GLY A 569 1.44 -12.98 -3.93
CA GLY A 569 0.77 -14.25 -3.89
C GLY A 569 0.91 -15.03 -5.19
N LEU A 570 0.88 -14.34 -6.34
CA LEU A 570 1.28 -14.96 -7.64
C LEU A 570 2.72 -15.44 -7.65
N LEU A 571 3.61 -14.55 -7.22
CA LEU A 571 5.02 -14.84 -7.13
C LEU A 571 5.25 -16.19 -6.43
N VAL A 572 4.69 -16.35 -5.25
CA VAL A 572 5.03 -17.51 -4.44
C VAL A 572 4.30 -18.78 -4.88
N SER A 573 3.13 -18.67 -5.48
CA SER A 573 2.47 -19.80 -6.08
C SER A 573 3.14 -20.24 -7.37
N VAL A 574 3.66 -19.31 -8.17
CA VAL A 574 4.57 -19.67 -9.27
C VAL A 574 5.85 -20.35 -8.75
N ALA A 575 6.47 -19.78 -7.73
CA ALA A 575 7.72 -20.31 -7.22
C ALA A 575 7.55 -21.76 -6.81
N MET A 576 6.46 -22.06 -6.09
CA MET A 576 6.34 -23.36 -5.48
C MET A 576 5.92 -24.39 -6.53
N THR A 577 5.27 -23.92 -7.60
CA THR A 577 4.92 -24.84 -8.67
C THR A 577 6.07 -25.04 -9.70
N GLN A 578 6.87 -24.03 -10.02
CA GLN A 578 8.07 -24.24 -10.88
C GLN A 578 9.24 -24.88 -10.23
N ARG A 579 9.45 -24.58 -8.95
CA ARG A 579 10.64 -25.00 -8.25
C ARG A 579 10.34 -25.57 -6.85
N PRO A 580 9.46 -26.59 -6.80
CA PRO A 580 9.00 -27.07 -5.51
C PRO A 580 10.17 -27.54 -4.60
N GLU A 581 11.24 -28.02 -5.23
CA GLU A 581 12.36 -28.58 -4.51
C GLU A 581 13.25 -27.57 -3.80
N LEU A 582 13.04 -26.28 -4.05
CA LEU A 582 13.80 -25.22 -3.41
C LEU A 582 13.27 -24.82 -2.04
N PHE A 583 12.02 -25.17 -1.75
CA PHE A 583 11.27 -24.59 -0.61
C PHE A 583 10.67 -25.60 0.31
N GLY A 584 10.55 -25.21 1.56
CA GLY A 584 9.97 -26.07 2.59
C GLY A 584 8.59 -25.63 3.10
N ALA A 585 8.23 -24.37 2.87
CA ALA A 585 6.93 -23.83 3.26
C ALA A 585 6.63 -22.53 2.47
N VAL A 586 5.35 -22.35 2.27
CA VAL A 586 4.84 -21.23 1.51
C VAL A 586 3.62 -20.59 2.20
N ALA A 587 3.55 -19.26 2.22
CA ALA A 587 2.32 -18.54 2.55
C ALA A 587 1.92 -17.65 1.36
N CYS A 588 0.77 -17.99 0.77
CA CYS A 588 0.19 -17.38 -0.39
C CYS A 588 -1.00 -16.57 0.10
N GLU A 589 -0.78 -15.27 0.28
CA GLU A 589 -1.72 -14.45 1.00
C GLU A 589 -2.54 -13.57 0.05
N VAL A 590 -3.87 -13.53 0.25
CA VAL A 590 -4.84 -12.75 -0.55
C VAL A 590 -4.38 -12.64 -2.00
N PRO A 591 -4.21 -13.80 -2.66
CA PRO A 591 -3.47 -13.80 -3.89
C PRO A 591 -4.31 -13.41 -5.10
N ILE A 592 -3.62 -12.94 -6.12
CA ILE A 592 -4.09 -13.05 -7.52
C ILE A 592 -3.32 -14.28 -8.01
N LEU A 593 -4.00 -15.19 -8.67
CA LEU A 593 -3.27 -16.36 -9.15
C LEU A 593 -3.87 -17.08 -10.33
N ASP A 594 -5.18 -16.95 -10.50
CA ASP A 594 -5.84 -17.46 -11.74
C ASP A 594 -5.62 -16.48 -12.90
N MET A 595 -4.47 -16.60 -13.54
CA MET A 595 -4.04 -15.60 -14.52
C MET A 595 -4.74 -15.76 -15.90
N ILE A 596 -5.47 -16.87 -16.11
CA ILE A 596 -6.33 -16.97 -17.29
CA ILE A 596 -6.36 -17.00 -17.29
C ILE A 596 -7.62 -16.14 -17.12
N ARG A 597 -8.22 -16.20 -15.93
CA ARG A 597 -9.55 -15.66 -15.67
C ARG A 597 -9.55 -14.40 -14.81
N TYR A 598 -8.37 -13.86 -14.54
CA TYR A 598 -8.27 -12.74 -13.56
C TYR A 598 -9.15 -11.55 -13.90
N LYS A 599 -9.41 -11.31 -15.21
CA LYS A 599 -10.22 -10.15 -15.56
C LYS A 599 -11.68 -10.27 -15.09
N GLU A 600 -12.14 -11.50 -14.86
CA GLU A 600 -13.51 -11.75 -14.47
C GLU A 600 -13.82 -11.48 -13.01
N PHE A 601 -12.80 -11.19 -12.19
CA PHE A 601 -12.96 -11.18 -10.74
C PHE A 601 -12.46 -9.86 -10.16
N GLY A 602 -13.23 -9.26 -9.26
CA GLY A 602 -12.78 -8.04 -8.57
C GLY A 602 -12.40 -6.94 -9.55
N ALA A 603 -11.29 -6.25 -9.28
CA ALA A 603 -10.76 -5.16 -10.12
C ALA A 603 -9.82 -5.68 -11.22
N GLY A 604 -9.95 -6.94 -11.62
CA GLY A 604 -9.02 -7.56 -12.59
C GLY A 604 -8.74 -6.84 -13.88
N HIS A 605 -9.76 -6.19 -14.46
CA HIS A 605 -9.53 -5.39 -15.64
C HIS A 605 -8.44 -4.33 -15.43
N SER A 606 -8.22 -3.93 -14.19
CA SER A 606 -7.23 -2.85 -14.00
C SER A 606 -5.77 -3.24 -14.29
N TRP A 607 -5.48 -4.52 -14.32
CA TRP A 607 -4.10 -5.01 -14.43
C TRP A 607 -3.73 -5.67 -15.75
N VAL A 608 -4.51 -5.46 -16.79
CA VAL A 608 -4.17 -6.02 -18.06
C VAL A 608 -2.78 -5.57 -18.54
N THR A 609 -2.39 -4.32 -18.26
CA THR A 609 -1.08 -3.85 -18.69
C THR A 609 0.04 -4.37 -17.82
N GLU A 610 -0.27 -4.94 -16.65
CA GLU A 610 0.73 -5.57 -15.80
C GLU A 610 0.98 -7.02 -16.22
N TYR A 611 -0.06 -7.77 -16.56
CA TYR A 611 0.09 -9.21 -16.73
C TYR A 611 -0.08 -9.68 -18.18
N GLY A 612 -0.53 -8.80 -19.05
CA GLY A 612 -0.96 -9.20 -20.41
C GLY A 612 -2.40 -9.64 -20.40
N ASP A 613 -3.03 -9.63 -21.58
CA ASP A 613 -4.42 -9.97 -21.78
C ASP A 613 -4.59 -11.47 -22.13
N PRO A 614 -5.15 -12.26 -21.20
CA PRO A 614 -5.40 -13.68 -21.54
C PRO A 614 -6.29 -13.97 -22.75
N GLU A 615 -6.95 -12.97 -23.32
CA GLU A 615 -7.71 -13.17 -24.52
C GLU A 615 -6.94 -12.74 -25.79
N ILE A 616 -5.65 -12.35 -25.63
CA ILE A 616 -4.76 -12.16 -26.78
C ILE A 616 -3.88 -13.44 -26.83
N PRO A 617 -3.97 -14.21 -27.93
CA PRO A 617 -3.25 -15.49 -27.99
C PRO A 617 -1.79 -15.44 -27.50
N ASN A 618 -1.04 -14.45 -27.96
CA ASN A 618 0.39 -14.44 -27.59
C ASN A 618 0.58 -14.20 -26.12
N ASP A 619 -0.22 -13.34 -25.51
CA ASP A 619 -0.11 -13.07 -24.08
C ASP A 619 -0.49 -14.34 -23.32
N LEU A 620 -1.58 -14.99 -23.76
CA LEU A 620 -2.03 -16.19 -23.10
C LEU A 620 -0.97 -17.31 -23.14
N LEU A 621 -0.25 -17.45 -24.27
CA LEU A 621 0.78 -18.44 -24.38
C LEU A 621 1.86 -18.27 -23.33
N HIS A 622 2.26 -17.02 -23.08
CA HIS A 622 3.27 -16.72 -22.06
C HIS A 622 2.70 -16.91 -20.69
N ILE A 623 1.46 -16.47 -20.47
CA ILE A 623 0.87 -16.56 -19.15
C ILE A 623 0.74 -18.04 -18.74
N LYS A 624 0.27 -18.90 -19.66
CA LYS A 624 0.14 -20.31 -19.36
C LYS A 624 1.44 -20.99 -19.02
N LYS A 625 2.60 -20.50 -19.44
CA LYS A 625 3.86 -21.13 -19.06
C LYS A 625 4.11 -21.07 -17.54
N TYR A 626 3.56 -20.05 -16.87
CA TYR A 626 3.79 -19.89 -15.45
C TYR A 626 2.58 -20.00 -14.59
N ALA A 627 1.39 -19.82 -15.16
CA ALA A 627 0.18 -19.73 -14.35
C ALA A 627 0.09 -20.98 -13.46
N PRO A 628 0.01 -20.81 -12.12
CA PRO A 628 0.09 -22.03 -11.26
C PRO A 628 -0.97 -23.06 -11.55
N LEU A 629 -2.19 -22.63 -11.89
CA LEU A 629 -3.29 -23.64 -12.09
C LEU A 629 -3.10 -24.42 -13.36
N GLU A 630 -2.24 -23.92 -14.25
CA GLU A 630 -1.88 -24.61 -15.50
C GLU A 630 -0.61 -25.48 -15.38
N ASN A 631 0.02 -25.50 -14.22
CA ASN A 631 1.32 -26.15 -14.09
C ASN A 631 1.33 -26.92 -12.77
N LEU A 632 0.24 -27.58 -12.47
CA LEU A 632 0.12 -28.41 -11.27
C LEU A 632 -0.02 -29.90 -11.62
N SER A 633 0.71 -30.75 -10.91
CA SER A 633 0.63 -32.20 -11.17
C SER A 633 0.16 -32.88 -9.91
N LEU A 634 -0.83 -33.77 -10.00
CA LEU A 634 -1.31 -34.54 -8.82
C LEU A 634 -0.27 -35.35 -8.07
N THR A 635 0.74 -35.84 -8.77
CA THR A 635 1.71 -36.77 -8.19
C THR A 635 2.99 -36.09 -7.74
N GLN A 636 2.99 -34.74 -7.76
CA GLN A 636 4.12 -33.97 -7.29
C GLN A 636 3.95 -33.53 -5.83
N LYS A 637 4.99 -33.68 -5.04
CA LYS A 637 4.96 -33.14 -3.67
C LYS A 637 5.23 -31.69 -3.77
N TYR A 638 4.31 -30.84 -3.32
CA TYR A 638 4.61 -29.39 -3.18
C TYR A 638 4.96 -29.06 -1.74
N PRO A 639 5.70 -27.95 -1.53
CA PRO A 639 5.94 -27.52 -0.17
C PRO A 639 4.58 -27.19 0.45
N THR A 640 4.45 -27.46 1.76
CA THR A 640 3.25 -27.15 2.53
C THR A 640 2.97 -25.68 2.38
N VAL A 641 1.71 -25.34 2.13
CA VAL A 641 1.33 -23.99 1.82
C VAL A 641 0.16 -23.56 2.69
N LEU A 642 0.22 -22.32 3.16
CA LEU A 642 -0.88 -21.64 3.82
C LEU A 642 -1.49 -20.66 2.83
N ILE A 643 -2.78 -20.80 2.53
CA ILE A 643 -3.45 -19.96 1.53
C ILE A 643 -4.46 -19.11 2.27
N THR A 644 -4.45 -17.81 2.04
CA THR A 644 -5.44 -16.95 2.73
C THR A 644 -6.25 -16.09 1.75
N ASP A 645 -7.51 -15.87 2.07
CA ASP A 645 -8.30 -14.93 1.28
C ASP A 645 -9.45 -14.32 2.11
N SER A 646 -10.28 -13.45 1.52
CA SER A 646 -11.38 -12.83 2.29
C SER A 646 -12.62 -12.66 1.43
N VAL A 647 -13.76 -12.93 2.06
CA VAL A 647 -15.07 -12.78 1.48
C VAL A 647 -15.22 -11.33 0.92
N LEU A 648 -14.69 -10.34 1.62
CA LEU A 648 -14.87 -8.95 1.26
C LEU A 648 -13.65 -8.38 0.56
N ASP A 649 -12.79 -9.26 0.05
CA ASP A 649 -11.68 -8.81 -0.78
C ASP A 649 -12.27 -8.44 -2.13
N GLN A 650 -12.49 -7.15 -2.30
CA GLN A 650 -12.98 -6.59 -3.55
C GLN A 650 -11.86 -6.23 -4.54
N ARG A 651 -10.60 -6.37 -4.16
CA ARG A 651 -9.49 -6.04 -5.04
C ARG A 651 -9.32 -7.22 -6.02
N VAL A 652 -8.92 -8.39 -5.52
CA VAL A 652 -8.65 -9.53 -6.38
C VAL A 652 -9.79 -10.55 -6.40
N HIS A 653 -10.62 -10.60 -5.35
CA HIS A 653 -11.71 -11.55 -5.16
C HIS A 653 -11.18 -12.84 -4.49
N PRO A 654 -11.93 -13.40 -3.56
CA PRO A 654 -11.44 -14.67 -2.97
C PRO A 654 -11.35 -15.91 -3.86
N TRP A 655 -11.91 -15.86 -5.07
CA TRP A 655 -11.83 -16.95 -6.03
C TRP A 655 -10.40 -17.49 -6.13
N HIS A 656 -9.41 -16.58 -6.17
CA HIS A 656 -8.04 -17.03 -6.41
C HIS A 656 -7.52 -17.97 -5.33
N GLY A 657 -7.77 -17.62 -4.09
CA GLY A 657 -7.32 -18.46 -2.95
C GLY A 657 -8.16 -19.74 -2.88
N ARG A 658 -9.46 -19.58 -3.09
CA ARG A 658 -10.39 -20.68 -3.01
C ARG A 658 -10.05 -21.74 -4.05
N ILE A 659 -9.90 -21.34 -5.33
CA ILE A 659 -9.55 -22.35 -6.38
C ILE A 659 -8.20 -23.08 -6.21
N PHE A 660 -7.19 -22.33 -5.72
CA PHE A 660 -5.91 -22.92 -5.46
C PHE A 660 -6.08 -24.01 -4.37
N GLU A 661 -6.76 -23.67 -3.27
CA GLU A 661 -7.06 -24.65 -2.19
C GLU A 661 -7.84 -25.85 -2.77
N TYR A 662 -8.86 -25.54 -3.56
CA TYR A 662 -9.72 -26.62 -4.08
C TYR A 662 -8.93 -27.62 -4.91
N VAL A 663 -8.07 -27.11 -5.79
CA VAL A 663 -7.27 -27.99 -6.64
C VAL A 663 -6.16 -28.68 -5.85
N LEU A 664 -5.44 -27.94 -4.99
CA LEU A 664 -4.33 -28.54 -4.27
C LEU A 664 -4.82 -29.55 -3.26
N ALA A 665 -5.95 -29.26 -2.63
CA ALA A 665 -6.57 -30.24 -1.70
C ALA A 665 -6.56 -31.63 -2.29
N GLN A 666 -6.67 -31.74 -3.61
CA GLN A 666 -6.76 -33.03 -4.28
C GLN A 666 -5.43 -33.72 -4.59
N ASN A 667 -4.33 -33.13 -4.16
CA ASN A 667 -3.02 -33.70 -4.34
C ASN A 667 -2.67 -34.29 -2.99
N PRO A 668 -2.64 -35.65 -2.86
CA PRO A 668 -2.45 -36.31 -1.56
C PRO A 668 -0.99 -36.29 -1.14
N ASN A 669 -0.13 -35.66 -1.94
CA ASN A 669 1.30 -35.51 -1.63
C ASN A 669 1.64 -34.19 -1.01
N THR A 670 0.62 -33.36 -0.87
CA THR A 670 0.82 -31.94 -0.51
C THR A 670 -0.12 -31.59 0.64
N LYS A 671 0.40 -30.88 1.64
CA LYS A 671 -0.38 -30.48 2.81
C LYS A 671 -0.67 -28.99 2.67
N THR A 672 -1.94 -28.59 2.76
CA THR A 672 -2.33 -27.16 2.65
C THR A 672 -3.17 -26.75 3.88
N TYR A 673 -3.05 -25.46 4.20
CA TYR A 673 -3.74 -24.77 5.28
C TYR A 673 -4.44 -23.61 4.57
N PHE A 674 -5.68 -23.39 4.90
CA PHE A 674 -6.54 -22.40 4.26
C PHE A 674 -7.28 -21.59 5.31
N LEU A 675 -7.31 -20.26 5.13
CA LEU A 675 -7.96 -19.34 6.05
C LEU A 675 -8.72 -18.31 5.22
N GLU A 676 -10.03 -18.33 5.36
CA GLU A 676 -10.90 -17.40 4.68
C GLU A 676 -11.49 -16.45 5.73
N SER A 677 -11.14 -15.17 5.64
CA SER A 677 -11.70 -14.16 6.54
C SER A 677 -12.97 -13.54 6.07
N LYS A 678 -13.94 -13.40 6.99
CA LYS A 678 -15.25 -12.82 6.70
C LYS A 678 -15.22 -11.40 6.25
N ASP A 679 -14.33 -10.62 6.82
CA ASP A 679 -14.36 -9.16 6.62
C ASP A 679 -13.03 -8.42 6.57
N SER A 680 -11.90 -9.11 6.46
CA SER A 680 -10.59 -8.43 6.36
C SER A 680 -10.43 -7.64 5.08
N GLY A 681 -11.06 -8.14 4.03
CA GLY A 681 -10.78 -7.59 2.70
C GLY A 681 -9.36 -7.94 2.27
N HIS A 682 -8.76 -7.08 1.45
CA HIS A 682 -7.44 -7.30 0.85
C HIS A 682 -6.33 -6.94 1.85
N GLY A 683 -6.18 -7.74 2.87
CA GLY A 683 -5.21 -7.48 3.95
C GLY A 683 -5.32 -8.49 5.06
N SER A 684 -4.66 -8.21 6.18
CA SER A 684 -4.54 -9.19 7.27
C SER A 684 -5.67 -9.18 8.29
N GLY A 685 -6.53 -8.16 8.26
CA GLY A 685 -7.64 -8.08 9.21
C GLY A 685 -8.10 -6.63 9.30
N SER A 686 -9.41 -6.42 9.37
CA SER A 686 -9.95 -5.07 9.36
C SER A 686 -10.18 -4.51 10.77
N ASP A 687 -9.75 -5.25 11.78
CA ASP A 687 -9.54 -4.67 13.08
C ASP A 687 -8.30 -5.32 13.68
N LEU A 688 -7.82 -4.77 14.79
CA LEU A 688 -6.56 -5.24 15.31
C LEU A 688 -6.56 -6.69 15.82
N LYS A 689 -7.68 -7.13 16.38
CA LYS A 689 -7.83 -8.49 16.90
C LYS A 689 -7.79 -9.49 15.78
N GLU A 690 -8.49 -9.21 14.69
CA GLU A 690 -8.41 -10.09 13.53
C GLU A 690 -7.02 -10.15 12.90
N SER A 691 -6.32 -9.01 12.83
CA SER A 691 -4.96 -9.01 12.31
C SER A 691 -4.06 -9.83 13.23
N ALA A 692 -4.22 -9.63 14.52
CA ALA A 692 -3.45 -10.38 15.50
C ALA A 692 -3.65 -11.89 15.31
N ASN A 693 -4.89 -12.32 15.16
CA ASN A 693 -5.17 -13.74 14.94
C ASN A 693 -4.57 -14.27 13.64
N TYR A 694 -4.66 -13.46 12.57
CA TYR A 694 -4.05 -13.80 11.29
C TYR A 694 -2.53 -14.06 11.41
N PHE A 695 -1.83 -13.17 12.09
CA PHE A 695 -0.39 -13.35 12.26
C PHE A 695 0.04 -14.45 13.25
N ILE A 696 -0.79 -14.72 14.22
CA ILE A 696 -0.57 -15.91 15.05
C ILE A 696 -0.67 -17.18 14.21
N ASN A 697 -1.69 -17.24 13.36
CA ASN A 697 -1.86 -18.41 12.49
C ASN A 697 -0.70 -18.54 11.51
N LEU A 698 -0.32 -17.42 10.91
CA LEU A 698 0.75 -17.42 9.93
C LEU A 698 2.11 -17.83 10.52
N TYR A 699 2.43 -17.22 11.66
CA TYR A 699 3.73 -17.49 12.31
C TYR A 699 3.77 -18.86 12.99
N THR A 700 2.61 -19.38 13.40
CA THR A 700 2.57 -20.74 13.94
C THR A 700 2.87 -21.68 12.78
N PHE A 701 2.25 -21.42 11.62
CA PHE A 701 2.46 -22.25 10.42
C PHE A 701 3.98 -22.34 10.09
N PHE A 702 4.66 -21.21 10.05
CA PHE A 702 6.05 -21.20 9.62
C PHE A 702 6.94 -21.77 10.67
N ALA A 703 6.63 -21.45 11.93
CA ALA A 703 7.48 -21.92 13.03
C ALA A 703 7.42 -23.44 13.06
N ASN A 704 6.23 -23.99 12.86
CA ASN A 704 6.05 -25.43 12.90
C ASN A 704 6.63 -26.13 11.66
N ALA A 705 6.42 -25.53 10.48
CA ALA A 705 6.93 -26.08 9.21
C ALA A 705 8.46 -26.06 9.10
N LEU A 706 9.10 -25.04 9.66
CA LEU A 706 10.52 -24.80 9.41
C LEU A 706 11.32 -25.06 10.64
N LYS A 707 10.66 -25.48 11.73
CA LYS A 707 11.34 -25.90 12.96
C LYS A 707 12.05 -24.77 13.68
N LEU A 708 11.38 -23.63 13.80
CA LEU A 708 11.86 -22.50 14.60
C LEU A 708 11.90 -22.94 16.07
N LYS A 709 13.03 -22.71 16.72
CA LYS A 709 13.24 -23.07 18.11
C LYS A 709 12.68 -21.97 18.98
N ILE A 710 11.42 -22.11 19.40
CA ILE A 710 10.60 -20.99 19.89
C ILE A 710 10.10 -21.18 21.32
C1 EDO B . -24.95 18.32 3.24
O1 EDO B . -25.66 19.48 3.75
C2 EDO B . -25.33 18.14 1.76
O2 EDO B . -26.71 17.75 1.75
C1 EDO C . -0.60 2.00 17.16
O1 EDO C . -1.94 1.71 16.69
C2 EDO C . -0.08 3.24 16.44
O2 EDO C . -0.74 4.46 16.84
C1 EDO D . 21.95 -3.36 -8.86
O1 EDO D . 23.13 -2.77 -9.42
C2 EDO D . 20.89 -3.49 -9.93
O2 EDO D . 21.32 -4.41 -10.93
C1 EDO E . -16.64 -8.20 -7.82
O1 EDO E . -15.83 -8.26 -6.64
C2 EDO E . -16.88 -9.55 -8.46
O2 EDO E . -15.85 -9.95 -9.37
C1 EDO F . 18.92 15.08 15.42
O1 EDO F . 19.24 14.20 16.52
C2 EDO F . 19.84 14.75 14.25
O2 EDO F . 21.08 15.47 14.45
C1 EDO G . 6.35 4.59 10.77
O1 EDO G . 5.59 4.40 9.57
C2 EDO G . 7.66 3.81 10.74
O2 EDO G . 8.06 3.60 9.39
CL CL H . -5.20 13.05 11.16
CL CL I . -23.22 23.25 8.87
#